data_8ZIF
#
_entry.id   8ZIF
#
_cell.length_a   83.709
_cell.length_b   100.650
_cell.length_c   129.076
_cell.angle_alpha   90.000
_cell.angle_beta   90.000
_cell.angle_gamma   90.000
#
_symmetry.space_group_name_H-M   'P 21 21 21'
#
loop_
_entity.id
_entity.type
_entity.pdbx_description
1 polymer 'PLP dependent gamma-lyase CndF'
2 non-polymer L-HOMOSERINE
3 non-polymer 'ethyl 3-oxobutanoate'
#
_entity_poly.entity_id   1
_entity_poly.type   'polypeptide(L)'
_entity_poly.pdbx_seq_one_letter_code
;GSMRDPNFQNIDKVALLGAQPLGSSHPPGDPHAVSFSLPTWASVAGNMAGEAWVRGKKKTTYPRMGFCPIVGGLTEAALI
RVKRPTGVKARIFISREAASRLEHTVKVKDPAAKVSVVQFELRQSNSPDLSNWARFVLVLFPESFEEDAFTFWLNHGDGI
SNRHAEFCNNLLDFMDSRCDEDEPDYQTCGPRSGDKPAGLPTWTNSGLEEKMVIKSVLAKCIRSENADMLPVQSDDVFLY
STGMMAIGKIARAMKDMPGDDTAVIFGWLYSGTLPLVKDSGYSKPILYGRGTEEELDKLESYLAAGGKCTVLFTEITSNP
QLHSPNLVRIKNLADEYGFTVVVDDTIGTSVNLDILPYADVVTTSLT(LLP)IFNGACNAMGGSLIVNPNSRHYRRIHTY
LQGHFEDLLFPADAVVLSENCIDYPERVKRCSATARAIAHFLAAHPSIDYVNYPTLVPSREEYERYRRDGEGYGYLLSIV
FREPDFAVRFFDALDIWKGPSIGTNSSIALPYSVLAHWEEQDWAAEYGVPKHIVRLSVGLESEAWLRDRVTEALAKATPA
TLCRTTFCKSER
;
_entity_poly.pdbx_strand_id   A,B
#
# COMPACT_ATOMS: atom_id res chain seq x y z
N GLY A 73 -3.36 -2.23 8.36
CA GLY A 73 -4.15 -1.02 8.56
C GLY A 73 -3.93 -0.46 9.94
N LEU A 74 -3.12 0.61 10.02
CA LEU A 74 -2.82 1.30 11.28
C LEU A 74 -4.07 1.55 12.12
N THR A 75 -5.20 1.88 11.47
CA THR A 75 -6.45 1.98 12.19
C THR A 75 -6.84 0.65 12.80
N GLU A 76 -6.89 -0.41 11.97
CA GLU A 76 -7.19 -1.73 12.51
C GLU A 76 -6.21 -2.12 13.62
N ALA A 77 -4.91 -2.00 13.36
CA ALA A 77 -3.92 -2.36 14.35
C ALA A 77 -4.00 -1.53 15.63
N ALA A 78 -4.57 -0.32 15.59
CA ALA A 78 -4.65 0.47 16.81
C ALA A 78 -5.92 0.19 17.62
N LEU A 79 -6.99 -0.25 16.97
CA LEU A 79 -8.12 -0.82 17.71
C LEU A 79 -7.74 -2.14 18.37
N ILE A 80 -6.82 -2.89 17.78
CA ILE A 80 -6.35 -4.11 18.41
C ILE A 80 -5.57 -3.78 19.68
N ARG A 81 -4.81 -2.69 19.63
CA ARG A 81 -4.00 -2.28 20.77
C ARG A 81 -4.82 -1.80 21.97
N VAL A 82 -6.06 -1.39 21.72
CA VAL A 82 -6.93 -0.90 22.77
C VAL A 82 -8.12 -1.84 22.96
N LYS A 83 -7.90 -3.12 22.63
CA LYS A 83 -8.92 -4.16 22.92
C LYS A 83 -10.31 -3.74 22.45
N ARG A 84 -10.51 -3.64 21.14
CA ARG A 84 -11.86 -3.35 20.59
C ARG A 84 -11.82 -3.62 19.08
N GLY A 87 -18.49 -1.87 20.84
CA GLY A 87 -18.21 -1.56 19.45
C GLY A 87 -18.24 -0.07 19.14
N VAL A 88 -17.12 0.45 18.68
CA VAL A 88 -17.02 1.86 18.36
C VAL A 88 -16.40 2.08 17.01
N LYS A 89 -16.16 3.33 16.67
CA LYS A 89 -15.51 3.63 15.37
C LYS A 89 -14.31 4.51 15.67
N ALA A 90 -13.33 4.55 14.77
CA ALA A 90 -12.13 5.31 15.09
C ALA A 90 -11.60 6.08 13.88
N ARG A 91 -10.86 7.15 14.17
CA ARG A 91 -10.09 7.90 13.18
C ARG A 91 -8.75 8.30 13.79
N ILE A 92 -7.81 8.66 12.93
CA ILE A 92 -6.43 8.86 13.34
C ILE A 92 -5.96 10.20 12.81
N PHE A 93 -5.36 11.02 13.68
CA PHE A 93 -4.86 12.35 13.32
C PHE A 93 -3.41 12.55 13.79
N ILE A 94 -2.77 13.53 13.16
CA ILE A 94 -1.35 13.85 13.37
C ILE A 94 -1.14 14.71 14.62
N SER A 95 -2.05 15.66 14.87
CA SER A 95 -1.94 16.61 15.96
C SER A 95 -2.95 16.32 17.06
N ARG A 96 -2.56 16.63 18.31
CA ARG A 96 -3.52 16.64 19.40
C ARG A 96 -4.61 17.67 19.13
N GLU A 97 -4.29 18.71 18.36
CA GLU A 97 -5.25 19.77 18.12
C GLU A 97 -6.38 19.29 17.22
N ALA A 98 -6.03 18.78 16.03
CA ALA A 98 -7.06 18.42 15.07
C ALA A 98 -7.95 17.30 15.59
N ALA A 99 -7.39 16.38 16.36
CA ALA A 99 -8.20 15.31 16.93
C ALA A 99 -9.40 15.87 17.68
N SER A 100 -9.14 16.77 18.63
CA SER A 100 -10.22 17.29 19.45
C SER A 100 -11.16 18.19 18.65
N ARG A 101 -10.70 18.74 17.52
CA ARG A 101 -11.63 19.42 16.61
C ARG A 101 -12.78 18.49 16.20
N LEU A 102 -12.48 17.21 15.93
CA LEU A 102 -13.55 16.24 15.71
C LEU A 102 -14.32 15.91 16.98
N GLU A 103 -13.62 15.68 18.10
CA GLU A 103 -14.29 15.26 19.33
C GLU A 103 -15.41 16.21 19.70
N HIS A 104 -15.30 17.48 19.32
CA HIS A 104 -16.38 18.43 19.62
C HIS A 104 -17.62 18.12 18.76
N THR A 105 -17.42 17.94 17.46
CA THR A 105 -18.52 17.66 16.53
C THR A 105 -19.35 16.47 16.98
N VAL A 106 -18.70 15.43 17.49
CA VAL A 106 -19.45 14.31 18.05
C VAL A 106 -20.07 14.69 19.37
N LYS A 107 -19.33 15.42 20.21
CA LYS A 107 -19.89 15.80 21.49
C LYS A 107 -21.07 16.72 21.33
N VAL A 108 -21.10 17.54 20.27
CA VAL A 108 -22.29 18.37 20.06
C VAL A 108 -23.45 17.54 19.52
N LYS A 109 -23.20 16.66 18.55
CA LYS A 109 -24.27 15.82 18.03
C LYS A 109 -24.80 14.83 19.09
N ASP A 110 -24.07 14.62 20.19
CA ASP A 110 -24.48 13.73 21.26
C ASP A 110 -23.53 13.89 22.43
N PRO A 111 -23.82 14.78 23.40
CA PRO A 111 -23.03 14.79 24.64
C PRO A 111 -23.27 13.52 25.43
N ALA A 112 -22.35 13.26 26.37
CA ALA A 112 -22.36 12.06 27.22
C ALA A 112 -21.96 10.82 26.43
N ALA A 113 -21.73 10.99 25.13
CA ALA A 113 -21.17 9.91 24.33
C ALA A 113 -19.70 9.76 24.68
N LYS A 114 -19.30 8.52 24.94
CA LYS A 114 -17.93 8.22 25.36
C LYS A 114 -17.01 8.41 24.15
N VAL A 115 -16.41 9.58 24.06
CA VAL A 115 -15.41 9.86 23.03
C VAL A 115 -14.04 9.74 23.69
N SER A 116 -13.16 8.98 23.08
CA SER A 116 -11.87 8.66 23.65
C SER A 116 -10.76 9.17 22.74
N VAL A 117 -9.79 9.86 23.30
CA VAL A 117 -8.67 10.42 22.54
C VAL A 117 -7.37 9.90 23.15
N VAL A 118 -6.72 8.99 22.43
CA VAL A 118 -5.52 8.30 22.90
C VAL A 118 -4.33 8.73 22.06
N GLN A 119 -3.29 9.23 22.72
CA GLN A 119 -2.05 9.51 22.02
C GLN A 119 -1.16 8.27 22.03
N PHE A 120 -0.56 7.98 20.87
CA PHE A 120 0.51 7.02 20.78
C PHE A 120 1.83 7.75 20.58
N GLU A 121 2.86 7.36 21.35
CA GLU A 121 4.16 8.07 21.29
C GLU A 121 5.32 7.09 21.42
N LEU A 122 6.38 7.26 20.63
CA LEU A 122 7.59 6.41 20.78
C LEU A 122 8.45 7.00 21.90
N ARG A 123 8.66 6.28 23.01
CA ARG A 123 9.34 6.88 24.21
C ARG A 123 10.88 6.91 24.16
N GLN A 124 11.53 5.76 24.14
CA GLN A 124 13.02 5.71 24.21
C GLN A 124 13.59 5.77 22.81
N SER A 125 13.95 6.95 22.33
CA SER A 125 14.51 7.11 20.99
C SER A 125 15.54 8.26 20.96
N ASN A 126 16.81 7.88 20.90
CA ASN A 126 17.89 8.87 20.86
C ASN A 126 17.68 9.87 19.73
N SER A 127 17.56 9.35 18.52
CA SER A 127 17.35 10.20 17.35
C SER A 127 16.08 11.03 17.51
N PRO A 128 16.15 12.32 17.16
CA PRO A 128 15.02 13.24 17.25
C PRO A 128 14.03 13.04 16.11
N ASP A 129 14.48 12.40 15.03
CA ASP A 129 13.62 12.15 13.88
C ASP A 129 12.46 11.22 14.22
N LEU A 130 12.78 10.02 14.68
CA LEU A 130 11.73 9.04 15.04
C LEU A 130 10.81 9.56 16.14
N SER A 131 11.36 10.20 17.18
CA SER A 131 10.53 10.66 18.27
C SER A 131 9.49 11.66 17.80
N ASN A 132 9.91 12.62 16.96
CA ASN A 132 9.05 13.72 16.56
C ASN A 132 7.95 13.24 15.61
N TRP A 133 8.25 12.23 14.80
CA TRP A 133 7.33 11.80 13.76
C TRP A 133 6.58 10.52 14.10
N ALA A 134 7.08 9.66 14.99
CA ALA A 134 6.42 8.39 15.32
C ALA A 134 5.40 8.57 16.44
N ARG A 135 4.41 9.43 16.18
CA ARG A 135 3.37 9.76 17.15
C ARG A 135 2.06 9.92 16.40
N PHE A 136 0.96 9.54 17.04
CA PHE A 136 -0.33 9.83 16.43
C PHE A 136 -1.39 9.83 17.49
N VAL A 137 -2.58 10.27 17.09
CA VAL A 137 -3.75 10.33 17.96
C VAL A 137 -4.82 9.43 17.38
N LEU A 138 -5.14 8.35 18.08
CA LEU A 138 -6.34 7.57 17.79
C LEU A 138 -7.52 8.28 18.45
N VAL A 139 -8.70 8.21 17.82
CA VAL A 139 -9.90 8.87 18.35
C VAL A 139 -11.05 7.88 18.22
N LEU A 140 -11.47 7.30 19.34
CA LEU A 140 -12.63 6.42 19.32
C LEU A 140 -13.88 7.23 19.66
N PHE A 141 -14.97 6.90 18.97
CA PHE A 141 -16.22 7.62 19.11
C PHE A 141 -17.34 6.65 18.78
N PRO A 142 -18.56 6.83 19.33
CA PRO A 142 -19.65 5.91 19.06
C PRO A 142 -19.77 5.59 17.57
N GLU A 143 -19.80 4.32 17.22
CA GLU A 143 -20.03 3.95 15.80
C GLU A 143 -21.38 4.56 15.41
N SER A 144 -22.29 4.65 16.37
CA SER A 144 -23.61 5.27 16.11
C SER A 144 -23.43 6.58 15.36
N ASP A 148 -21.75 10.80 11.30
CA ASP A 148 -20.93 11.06 10.13
C ASP A 148 -21.58 12.08 9.21
N ALA A 149 -21.61 13.33 9.66
CA ALA A 149 -22.20 14.41 8.87
C ALA A 149 -21.26 14.90 7.77
N PHE A 150 -20.56 16.00 8.04
CA PHE A 150 -19.62 16.55 7.08
C PHE A 150 -18.17 16.42 7.55
N THR A 151 -17.97 15.62 8.60
CA THR A 151 -16.63 15.40 9.14
C THR A 151 -15.71 14.88 8.05
N PHE A 152 -16.27 14.63 6.87
CA PHE A 152 -15.52 14.12 5.74
C PHE A 152 -14.33 15.03 5.45
N TRP A 153 -14.57 16.36 5.45
CA TRP A 153 -13.53 17.36 5.23
C TRP A 153 -12.69 17.64 6.47
N LEU A 154 -13.20 17.32 7.67
CA LEU A 154 -12.37 17.40 8.86
C LEU A 154 -11.30 16.31 8.85
N ASN A 155 -11.64 15.12 8.33
CA ASN A 155 -10.73 13.97 8.25
C ASN A 155 -9.88 13.99 6.98
N HIS A 156 -10.53 14.03 5.82
CA HIS A 156 -9.79 14.10 4.54
C HIS A 156 -8.73 15.19 4.69
N GLY A 157 -9.06 16.24 5.44
CA GLY A 157 -8.14 17.37 5.65
C GLY A 157 -7.07 17.36 6.72
N ASP A 158 -7.37 16.78 7.87
CA ASP A 158 -6.42 16.83 8.99
C ASP A 158 -6.07 15.38 9.34
N GLY A 159 -6.41 14.45 8.45
CA GLY A 159 -6.08 13.05 8.67
C GLY A 159 -4.58 12.86 8.68
N ILE A 160 -4.18 11.62 8.82
CA ILE A 160 -2.77 11.28 8.78
C ILE A 160 -2.43 10.87 7.35
N SER A 161 -1.19 11.14 6.92
CA SER A 161 -0.73 10.70 5.60
C SER A 161 -0.72 9.19 5.49
N ASN A 162 -0.83 8.69 4.26
CA ASN A 162 -0.67 7.26 4.06
C ASN A 162 0.77 6.82 4.33
N ARG A 163 1.72 7.57 3.79
CA ARG A 163 3.14 7.25 4.04
C ARG A 163 3.41 7.36 5.54
N HIS A 164 2.86 8.38 6.18
CA HIS A 164 3.00 8.52 7.63
C HIS A 164 2.38 7.33 8.34
N ALA A 165 1.14 7.01 7.99
CA ALA A 165 0.40 5.95 8.67
C ALA A 165 1.07 4.60 8.51
N GLU A 166 1.80 4.40 7.42
CA GLU A 166 2.59 3.19 7.28
C GLU A 166 3.80 3.24 8.20
N PHE A 167 4.48 4.39 8.23
CA PHE A 167 5.60 4.61 9.12
C PHE A 167 5.25 4.29 10.56
N CYS A 168 4.04 4.65 10.99
CA CYS A 168 3.63 4.35 12.36
C CYS A 168 3.30 2.88 12.54
N ASN A 169 2.60 2.27 11.56
CA ASN A 169 2.25 0.86 11.68
C ASN A 169 3.49 -0.02 11.82
N ASN A 170 4.60 0.37 11.19
CA ASN A 170 5.84 -0.35 11.41
C ASN A 170 6.27 -0.27 12.85
N LEU A 171 6.24 0.93 13.42
CA LEU A 171 6.73 1.21 14.76
C LEU A 171 5.67 1.07 15.86
N LEU A 172 4.44 0.65 15.53
CA LEU A 172 3.37 0.66 16.52
C LEU A 172 3.68 -0.23 17.70
N ASP A 173 4.41 -1.33 17.49
CA ASP A 173 4.81 -2.16 18.63
C ASP A 173 5.74 -1.39 19.57
N PHE A 174 6.65 -0.56 19.02
CA PHE A 174 7.62 0.18 19.83
C PHE A 174 7.03 1.35 20.62
N MET A 175 5.76 1.73 20.41
CA MET A 175 5.24 2.96 20.98
C MET A 175 4.10 2.67 21.96
N ASP A 176 3.96 3.55 22.96
CA ASP A 176 3.02 3.39 24.06
C ASP A 176 1.83 4.36 23.92
N SER A 177 0.81 4.06 24.72
CA SER A 177 -0.42 4.86 24.68
C SER A 177 -0.67 5.53 26.03
N ARG A 178 -1.50 6.56 26.03
CA ARG A 178 -1.88 7.25 27.27
C ARG A 178 -3.18 8.02 27.12
N CYS A 179 -4.13 7.78 28.02
CA CYS A 179 -5.42 8.47 27.97
C CYS A 179 -5.69 9.22 29.29
N PRO A 184 -8.78 4.87 32.67
CA PRO A 184 -8.93 3.89 31.58
C PRO A 184 -7.78 2.86 31.51
N ASP A 185 -7.97 1.77 30.77
CA ASP A 185 -6.87 0.82 30.56
C ASP A 185 -6.13 1.09 29.25
N TYR A 186 -6.54 2.16 28.58
CA TYR A 186 -5.99 2.57 27.29
C TYR A 186 -4.65 3.28 27.43
N GLN A 187 -4.01 3.05 28.57
CA GLN A 187 -2.69 3.62 28.84
C GLN A 187 -1.63 2.53 28.64
N THR A 188 -2.00 1.48 27.91
CA THR A 188 -1.12 0.36 27.64
C THR A 188 0.19 0.78 27.01
N CYS A 189 1.26 0.19 27.54
CA CYS A 189 2.65 0.45 27.08
C CYS A 189 2.91 -0.50 25.91
N GLY A 190 3.97 -0.27 25.14
CA GLY A 190 4.21 -1.11 23.95
C GLY A 190 4.88 -2.42 24.29
N PRO A 191 4.44 -3.57 23.73
CA PRO A 191 5.10 -4.84 23.97
C PRO A 191 6.62 -4.77 23.71
N ARG A 192 7.04 -3.96 22.75
CA ARG A 192 8.46 -3.81 22.44
C ARG A 192 8.89 -2.35 22.54
N SER A 193 8.59 -1.72 23.66
CA SER A 193 8.95 -0.33 23.90
C SER A 193 10.36 -0.19 24.42
N GLY A 194 11.14 0.69 23.81
CA GLY A 194 12.52 0.91 24.20
C GLY A 194 13.51 0.24 23.28
N ASP A 195 13.05 -0.79 22.58
CA ASP A 195 13.90 -1.53 21.65
C ASP A 195 14.36 -0.64 20.51
N LYS A 196 15.59 -0.88 20.04
CA LYS A 196 16.14 -0.10 18.94
C LYS A 196 15.63 -0.64 17.61
N PRO A 197 14.93 0.16 16.81
CA PRO A 197 14.46 -0.33 15.52
C PRO A 197 15.61 -0.59 14.56
N ALA A 198 15.44 -1.66 13.78
CA ALA A 198 16.37 -2.05 12.72
C ALA A 198 15.94 -1.54 11.36
N PRO A 201 14.53 5.38 9.07
CA PRO A 201 13.90 5.76 7.80
C PRO A 201 14.91 6.28 6.81
N THR A 202 14.52 6.23 5.53
CA THR A 202 15.42 6.72 4.48
C THR A 202 15.73 8.19 4.67
N TRP A 203 14.70 9.03 4.70
CA TRP A 203 14.86 10.47 4.81
C TRP A 203 15.67 10.86 6.05
N THR A 204 16.34 12.01 5.94
CA THR A 204 17.08 12.61 7.04
C THR A 204 16.63 14.05 7.28
N ASN A 205 16.76 14.48 8.53
CA ASN A 205 16.47 15.85 8.93
C ASN A 205 15.03 16.29 8.78
N SER A 206 14.11 15.38 9.06
CA SER A 206 12.70 15.71 9.07
C SER A 206 12.29 16.11 7.66
N GLY A 207 12.95 15.52 6.66
CA GLY A 207 12.85 15.96 5.30
C GLY A 207 12.97 17.46 5.13
N LEU A 208 13.89 18.10 5.86
CA LEU A 208 13.94 19.56 5.80
C LEU A 208 14.53 20.04 4.48
N GLU A 209 15.53 19.35 3.97
CA GLU A 209 16.16 19.85 2.76
C GLU A 209 15.21 19.73 1.59
N GLU A 210 14.37 18.70 1.59
CA GLU A 210 13.36 18.56 0.56
C GLU A 210 12.21 19.56 0.73
N LYS A 211 11.88 19.95 1.97
CA LYS A 211 10.87 20.97 2.15
C LYS A 211 11.37 22.31 1.66
N MET A 212 12.65 22.59 1.88
CA MET A 212 13.27 23.78 1.30
C MET A 212 13.15 23.78 -0.21
N VAL A 213 13.29 22.60 -0.82
CA VAL A 213 13.14 22.49 -2.27
C VAL A 213 11.72 22.82 -2.68
N ILE A 214 10.75 22.27 -1.95
CA ILE A 214 9.34 22.48 -2.27
C ILE A 214 9.00 23.95 -2.16
N LYS A 215 9.35 24.58 -1.03
CA LYS A 215 9.09 26.00 -0.82
C LYS A 215 9.70 26.83 -1.95
N SER A 216 10.92 26.47 -2.37
CA SER A 216 11.61 27.22 -3.43
C SER A 216 10.87 27.12 -4.77
N VAL A 217 10.41 25.93 -5.14
CA VAL A 217 9.66 25.79 -6.38
C VAL A 217 8.40 26.66 -6.36
N LEU A 218 7.61 26.57 -5.28
CA LEU A 218 6.41 27.38 -5.17
C LEU A 218 6.72 28.86 -5.24
N ALA A 219 7.84 29.27 -4.66
CA ALA A 219 8.20 30.67 -4.66
C ALA A 219 8.65 31.10 -6.03
N LYS A 220 9.27 30.20 -6.78
CA LYS A 220 9.77 30.56 -8.10
C LYS A 220 8.60 30.75 -9.07
N CYS A 221 7.63 29.83 -9.03
CA CYS A 221 6.54 29.78 -10.00
C CYS A 221 5.45 30.81 -9.74
N ILE A 222 5.32 31.30 -8.52
CA ILE A 222 4.32 32.32 -8.28
C ILE A 222 4.87 33.70 -8.56
N ARG A 223 6.19 33.81 -8.79
CA ARG A 223 6.80 35.07 -9.15
C ARG A 223 5.97 35.79 -10.21
N SER A 224 5.87 37.09 -10.06
CA SER A 224 5.00 37.84 -10.94
C SER A 224 5.78 38.30 -12.15
N GLU A 225 5.07 38.49 -13.26
CA GLU A 225 5.66 39.11 -14.44
C GLU A 225 5.84 40.60 -14.25
N ASN A 226 5.34 41.14 -13.15
CA ASN A 226 5.48 42.54 -12.78
C ASN A 226 6.79 42.72 -12.01
N ALA A 227 7.64 43.62 -12.49
CA ALA A 227 8.87 43.93 -11.77
C ALA A 227 8.63 44.93 -10.65
N ASP A 228 7.43 45.49 -10.55
CA ASP A 228 7.10 46.46 -9.49
C ASP A 228 6.90 45.78 -8.14
N MET A 229 6.99 44.45 -8.06
CA MET A 229 6.61 43.71 -6.87
C MET A 229 7.83 43.08 -6.23
N LEU A 230 7.73 42.86 -4.93
CA LEU A 230 8.73 42.06 -4.25
C LEU A 230 8.55 40.59 -4.63
N PRO A 231 9.64 39.84 -4.69
CA PRO A 231 9.53 38.40 -4.91
C PRO A 231 9.07 37.68 -3.65
N VAL A 232 8.26 36.65 -3.83
CA VAL A 232 8.05 35.73 -2.74
C VAL A 232 9.34 34.96 -2.48
N GLN A 233 9.70 34.84 -1.22
CA GLN A 233 10.83 34.02 -0.81
C GLN A 233 10.37 32.70 -0.20
N SER A 234 11.30 31.75 -0.11
CA SER A 234 10.96 30.43 0.40
C SER A 234 10.40 30.47 1.81
N ASP A 235 10.61 31.53 2.56
CA ASP A 235 10.11 31.59 3.92
C ASP A 235 8.86 32.46 4.03
N ASP A 236 8.35 32.93 2.89
CA ASP A 236 6.97 33.34 2.78
C ASP A 236 6.05 32.15 2.52
N VAL A 237 6.62 30.94 2.37
CA VAL A 237 5.87 29.72 2.03
C VAL A 237 5.81 28.78 3.24
N PHE A 238 4.60 28.30 3.53
CA PHE A 238 4.32 27.43 4.67
C PHE A 238 3.75 26.12 4.17
N LEU A 239 4.24 25.00 4.71
CA LEU A 239 3.82 23.68 4.25
C LEU A 239 3.09 22.90 5.35
N TYR A 240 1.96 22.30 4.96
CA TYR A 240 1.02 21.59 5.83
C TYR A 240 0.72 20.23 5.25
N SER A 241 0.03 19.41 6.04
CA SER A 241 -0.20 18.02 5.65
C SER A 241 -1.01 17.94 4.35
N THR A 242 -2.01 18.82 4.18
CA THR A 242 -2.88 18.80 3.01
C THR A 242 -3.25 20.23 2.61
N GLY A 243 -3.91 20.36 1.46
CA GLY A 243 -4.45 21.64 1.07
C GLY A 243 -5.58 22.10 1.98
N MET A 244 -6.44 21.17 2.39
CA MET A 244 -7.49 21.54 3.34
C MET A 244 -6.89 22.13 4.59
N MET A 245 -5.86 21.49 5.14
CA MET A 245 -5.22 21.98 6.36
C MET A 245 -4.65 23.38 6.17
N ALA A 246 -3.96 23.60 5.06
CA ALA A 246 -3.43 24.92 4.78
C ALA A 246 -4.54 25.96 4.80
N ILE A 247 -5.71 25.62 4.24
CA ILE A 247 -6.85 26.54 4.21
C ILE A 247 -7.33 26.85 5.62
N GLY A 248 -7.53 25.82 6.44
CA GLY A 248 -7.98 26.04 7.80
C GLY A 248 -7.01 26.88 8.60
N LYS A 249 -5.71 26.72 8.34
CA LYS A 249 -4.72 27.44 9.12
C LYS A 249 -4.77 28.92 8.84
N ILE A 250 -5.16 29.32 7.62
CA ILE A 250 -5.26 30.76 7.35
C ILE A 250 -6.59 31.30 7.86
N ALA A 251 -7.65 30.50 7.79
CA ALA A 251 -8.91 30.91 8.38
C ALA A 251 -8.76 31.20 9.87
N ARG A 252 -8.05 30.33 10.59
CA ARG A 252 -7.93 30.48 12.05
C ARG A 252 -7.14 31.74 12.38
N ALA A 253 -6.18 32.11 11.54
CA ALA A 253 -5.37 33.29 11.85
C ALA A 253 -6.18 34.56 11.71
N MET A 254 -7.00 34.64 10.66
CA MET A 254 -7.85 35.79 10.44
C MET A 254 -8.75 36.04 11.64
N LYS A 255 -9.32 34.95 12.18
CA LYS A 255 -10.29 35.05 13.30
C LYS A 255 -9.58 35.47 14.57
N ASP A 256 -8.43 34.84 14.86
CA ASP A 256 -7.68 35.16 16.10
C ASP A 256 -6.92 36.47 15.89
N MET A 257 -6.97 37.03 14.67
CA MET A 257 -6.35 38.36 14.43
C MET A 257 -7.29 39.43 15.02
N PRO A 258 -6.85 40.65 15.45
CA PRO A 258 -7.77 41.58 16.11
C PRO A 258 -8.88 42.07 15.19
N GLY A 259 -10.04 42.32 15.78
CA GLY A 259 -11.18 42.75 15.00
C GLY A 259 -11.98 41.60 14.44
N ASP A 260 -13.14 41.34 15.04
CA ASP A 260 -14.03 40.26 14.60
C ASP A 260 -14.91 40.77 13.47
N ASP A 261 -14.46 40.59 12.23
CA ASP A 261 -15.36 40.89 11.13
C ASP A 261 -15.73 39.63 10.37
N THR A 262 -16.68 39.81 9.44
CA THR A 262 -17.25 38.71 8.69
C THR A 262 -16.20 38.06 7.79
N ALA A 263 -16.44 36.79 7.47
CA ALA A 263 -15.75 36.13 6.39
C ALA A 263 -16.67 36.04 5.19
N VAL A 264 -16.09 36.18 4.00
CA VAL A 264 -16.82 36.04 2.75
C VAL A 264 -16.23 34.87 1.99
N ILE A 265 -17.10 34.08 1.37
CA ILE A 265 -16.72 32.99 0.48
C ILE A 265 -17.30 33.27 -0.90
N PHE A 266 -16.42 33.38 -1.90
CA PHE A 266 -16.78 33.84 -3.25
C PHE A 266 -16.64 32.67 -4.21
N GLY A 267 -17.75 32.04 -4.58
CA GLY A 267 -17.69 30.99 -5.61
C GLY A 267 -17.13 29.67 -5.12
N TRP A 268 -16.05 29.70 -4.35
CA TRP A 268 -15.40 28.46 -3.86
C TRP A 268 -16.49 27.53 -3.32
N LEU A 269 -16.78 26.47 -4.05
CA LEU A 269 -17.82 25.50 -3.61
C LEU A 269 -17.34 24.09 -3.93
N TYR A 270 -18.17 23.08 -3.67
CA TYR A 270 -17.83 21.73 -4.09
C TYR A 270 -16.53 21.23 -3.47
N SER A 271 -16.26 21.77 -2.29
CA SER A 271 -15.04 21.53 -1.52
C SER A 271 -15.41 21.68 -0.06
N GLY A 272 -14.41 21.55 0.80
CA GLY A 272 -14.68 21.66 2.22
C GLY A 272 -14.37 23.02 2.81
N THR A 273 -14.26 24.03 1.97
CA THR A 273 -13.76 25.31 2.45
C THR A 273 -14.78 25.99 3.35
N LEU A 274 -16.04 26.01 2.93
CA LEU A 274 -17.13 26.52 3.78
C LEU A 274 -17.26 25.73 5.09
N PRO A 275 -17.27 24.39 5.10
CA PRO A 275 -17.15 23.68 6.39
C PRO A 275 -15.96 24.13 7.23
N LEU A 276 -14.75 24.21 6.66
CA LEU A 276 -13.57 24.56 7.46
C LEU A 276 -13.63 25.99 7.97
N VAL A 277 -14.06 26.92 7.11
CA VAL A 277 -14.20 28.30 7.53
C VAL A 277 -15.13 28.39 8.73
N LYS A 278 -16.19 27.57 8.74
CA LYS A 278 -17.05 27.52 9.91
C LYS A 278 -16.30 26.95 11.12
N ASP A 279 -15.49 25.91 10.93
CA ASP A 279 -14.72 25.34 12.03
C ASP A 279 -13.67 26.28 12.57
N SER A 280 -13.48 27.43 11.96
CA SER A 280 -12.46 28.38 12.37
C SER A 280 -13.03 29.55 13.16
N GLY A 281 -14.30 29.50 13.56
CA GLY A 281 -14.90 30.57 14.31
C GLY A 281 -15.81 31.50 13.52
N TYR A 282 -15.78 31.45 12.19
CA TYR A 282 -16.70 32.27 11.39
C TYR A 282 -18.01 31.50 11.31
N SER A 283 -18.94 31.87 12.20
CA SER A 283 -20.15 31.06 12.44
C SER A 283 -21.07 31.03 11.23
N LYS A 284 -21.27 32.16 10.56
CA LYS A 284 -22.14 32.24 9.39
C LYS A 284 -21.52 33.22 8.40
N PRO A 285 -20.66 32.74 7.50
CA PRO A 285 -20.05 33.62 6.52
C PRO A 285 -21.03 34.02 5.42
N ILE A 286 -20.63 35.05 4.68
CA ILE A 286 -21.40 35.55 3.55
C ILE A 286 -21.00 34.76 2.31
N LEU A 287 -21.90 33.93 1.78
CA LEU A 287 -21.54 33.16 0.61
C LEU A 287 -22.21 33.73 -0.64
N TYR A 288 -21.39 34.20 -1.55
CA TYR A 288 -21.79 34.49 -2.91
C TYR A 288 -21.37 33.26 -3.71
N GLY A 289 -22.28 32.30 -3.84
CA GLY A 289 -21.95 31.00 -4.38
C GLY A 289 -21.60 30.95 -5.87
N ARG A 290 -22.02 31.94 -6.66
CA ARG A 290 -21.83 31.86 -8.11
C ARG A 290 -20.60 32.60 -8.61
N GLY A 291 -19.93 33.41 -7.79
CA GLY A 291 -18.68 34.02 -8.23
C GLY A 291 -18.80 35.23 -9.15
N THR A 292 -19.96 35.85 -9.26
CA THR A 292 -20.21 36.80 -10.32
C THR A 292 -20.09 38.26 -9.87
N GLU A 293 -20.11 39.13 -10.89
CA GLU A 293 -20.06 40.56 -10.65
C GLU A 293 -21.32 41.06 -9.95
N GLU A 294 -22.49 40.54 -10.34
CA GLU A 294 -23.71 40.82 -9.59
C GLU A 294 -23.48 40.57 -8.11
N GLU A 295 -22.92 39.40 -7.82
CA GLU A 295 -22.59 39.06 -6.45
C GLU A 295 -21.61 40.07 -5.86
N LEU A 296 -20.62 40.48 -6.66
CA LEU A 296 -19.70 41.52 -6.23
C LEU A 296 -20.43 42.82 -5.94
N ASP A 297 -21.38 43.20 -6.82
CA ASP A 297 -22.19 44.38 -6.56
C ASP A 297 -22.83 44.29 -5.20
N LYS A 298 -23.54 43.18 -4.94
CA LYS A 298 -24.16 43.01 -3.64
C LYS A 298 -23.16 43.20 -2.51
N LEU A 299 -21.96 42.62 -2.67
CA LEU A 299 -20.91 42.78 -1.68
C LEU A 299 -20.53 44.24 -1.55
N GLU A 300 -20.25 44.91 -2.66
CA GLU A 300 -19.78 46.28 -2.59
C GLU A 300 -20.82 47.19 -1.93
N SER A 301 -22.12 46.96 -2.22
CA SER A 301 -23.18 47.67 -1.51
C SER A 301 -23.11 47.47 0.00
N TYR A 302 -22.84 46.24 0.38
CA TYR A 302 -22.73 45.86 1.77
C TYR A 302 -21.63 46.61 2.45
N LEU A 303 -20.45 46.56 1.88
CA LEU A 303 -19.28 47.24 2.43
C LEU A 303 -19.49 48.76 2.48
N ALA A 304 -19.99 49.35 1.41
CA ALA A 304 -20.21 50.79 1.39
C ALA A 304 -21.22 51.21 2.46
N ALA A 305 -22.25 50.39 2.68
CA ALA A 305 -23.23 50.65 3.72
C ALA A 305 -22.61 50.72 5.11
N GLY A 306 -21.37 50.28 5.25
CA GLY A 306 -20.71 50.23 6.54
C GLY A 306 -20.48 48.84 7.06
N GLY A 307 -20.82 47.81 6.29
CA GLY A 307 -20.53 46.45 6.71
C GLY A 307 -19.04 46.21 6.64
N LYS A 308 -18.51 45.50 7.63
CA LYS A 308 -17.08 45.25 7.63
C LYS A 308 -16.83 43.77 7.37
N CYS A 309 -15.64 43.48 6.87
CA CYS A 309 -15.31 42.14 6.40
C CYS A 309 -13.81 41.94 6.57
N THR A 310 -13.41 40.84 7.23
CA THR A 310 -12.00 40.59 7.53
C THR A 310 -11.30 39.93 6.36
N VAL A 311 -11.96 38.94 5.75
CA VAL A 311 -11.34 38.09 4.75
C VAL A 311 -12.38 37.64 3.72
N LEU A 312 -11.90 37.38 2.52
CA LEU A 312 -12.68 36.80 1.44
C LEU A 312 -11.91 35.62 0.88
N PHE A 313 -12.60 34.50 0.71
CA PHE A 313 -12.05 33.29 0.14
C PHE A 313 -12.55 33.11 -1.28
N THR A 314 -11.65 32.83 -2.21
CA THR A 314 -12.02 32.55 -3.60
C THR A 314 -11.02 31.58 -4.19
N GLU A 315 -11.38 30.96 -5.31
CA GLU A 315 -10.51 30.01 -5.98
C GLU A 315 -10.52 30.20 -7.50
N ILE A 316 -9.38 30.54 -8.07
CA ILE A 316 -9.34 30.75 -9.50
C ILE A 316 -9.70 29.46 -10.21
N THR A 317 -10.21 29.55 -11.44
CA THR A 317 -10.64 28.43 -12.28
C THR A 317 -11.45 27.43 -11.46
N SER A 318 -12.58 27.92 -10.95
CA SER A 318 -13.46 27.13 -10.10
C SER A 318 -13.89 25.76 -10.62
N ASN A 319 -14.02 24.84 -9.67
CA ASN A 319 -14.45 23.48 -9.90
C ASN A 319 -15.94 23.40 -9.66
N PRO A 320 -16.74 22.88 -10.60
CA PRO A 320 -16.32 22.15 -11.80
C PRO A 320 -16.57 22.93 -13.09
N GLN A 321 -16.82 24.23 -12.99
CA GLN A 321 -17.26 25.00 -14.13
C GLN A 321 -16.16 25.85 -14.75
N LEU A 322 -14.95 25.83 -14.20
CA LEU A 322 -13.81 26.58 -14.74
C LEU A 322 -14.11 28.07 -14.83
N HIS A 323 -14.73 28.61 -13.78
CA HIS A 323 -15.00 30.03 -13.76
C HIS A 323 -13.78 30.81 -13.26
N SER A 324 -13.62 32.04 -13.74
CA SER A 324 -12.60 32.94 -13.20
C SER A 324 -13.27 34.10 -12.45
N PRO A 325 -13.03 34.24 -11.15
CA PRO A 325 -13.52 35.42 -10.44
C PRO A 325 -12.76 36.67 -10.88
N ASN A 326 -13.38 37.82 -10.63
CA ASN A 326 -12.76 39.08 -11.02
C ASN A 326 -11.79 39.53 -9.94
N LEU A 327 -10.58 38.93 -9.97
CA LEU A 327 -9.56 39.20 -8.97
C LEU A 327 -9.11 40.66 -8.93
N VAL A 328 -9.27 41.39 -10.03
CA VAL A 328 -8.93 42.81 -10.03
C VAL A 328 -9.91 43.60 -9.17
N ARG A 329 -11.20 43.42 -9.44
CA ARG A 329 -12.22 44.12 -8.67
C ARG A 329 -12.13 43.73 -7.19
N ILE A 330 -11.93 42.44 -6.90
CA ILE A 330 -11.83 41.99 -5.52
C ILE A 330 -10.70 42.72 -4.79
N LYS A 331 -9.57 42.95 -5.48
CA LYS A 331 -8.44 43.64 -4.88
C LYS A 331 -8.68 45.14 -4.73
N ASN A 332 -9.49 45.72 -5.62
CA ASN A 332 -9.89 47.11 -5.42
C ASN A 332 -10.78 47.22 -4.19
N LEU A 333 -11.82 46.41 -4.15
CA LEU A 333 -12.66 46.36 -2.96
C LEU A 333 -11.83 46.11 -1.73
N ALA A 334 -10.84 45.20 -1.82
CA ALA A 334 -10.04 44.87 -0.64
C ALA A 334 -9.21 46.06 -0.21
N ASP A 335 -8.56 46.72 -1.16
CA ASP A 335 -7.79 47.91 -0.83
C ASP A 335 -8.68 48.98 -0.22
N GLU A 336 -9.87 49.24 -0.81
CA GLU A 336 -10.76 50.31 -0.36
C GLU A 336 -11.48 50.02 0.96
N TYR A 337 -11.69 48.76 1.34
CA TYR A 337 -12.47 48.45 2.52
C TYR A 337 -11.76 47.56 3.53
N GLY A 338 -10.50 47.19 3.28
CA GLY A 338 -9.67 46.62 4.31
C GLY A 338 -9.81 45.15 4.62
N PHE A 339 -10.14 44.30 3.65
CA PHE A 339 -10.18 42.86 3.93
C PHE A 339 -9.01 42.17 3.26
N THR A 340 -8.81 40.93 3.67
CA THR A 340 -7.70 40.12 3.19
C THR A 340 -8.19 39.17 2.12
N VAL A 341 -7.43 39.07 1.04
CA VAL A 341 -7.83 38.26 -0.10
C VAL A 341 -7.05 36.96 -0.09
N VAL A 342 -7.78 35.85 -0.03
CA VAL A 342 -7.19 34.51 -0.11
C VAL A 342 -7.71 33.79 -1.35
N VAL A 343 -6.81 33.42 -2.25
CA VAL A 343 -7.14 32.71 -3.48
C VAL A 343 -6.48 31.35 -3.43
N ASP A 344 -7.22 30.32 -3.86
CA ASP A 344 -6.65 29.01 -4.15
C ASP A 344 -6.29 28.92 -5.62
N ASP A 345 -5.02 28.57 -5.92
CA ASP A 345 -4.56 28.45 -7.29
C ASP A 345 -4.37 26.99 -7.71
N THR A 346 -5.08 26.06 -7.07
CA THR A 346 -4.83 24.64 -7.35
C THR A 346 -5.21 24.28 -8.77
N ILE A 347 -6.41 24.67 -9.18
CA ILE A 347 -6.94 24.26 -10.47
C ILE A 347 -6.23 25.00 -11.59
N GLY A 348 -6.30 26.31 -11.58
CA GLY A 348 -5.65 27.03 -12.65
C GLY A 348 -4.35 27.45 -12.06
N THR A 349 -3.26 26.91 -12.58
CA THR A 349 -2.08 26.78 -11.75
C THR A 349 -1.33 28.12 -11.65
N SER A 350 -0.24 28.12 -10.89
CA SER A 350 0.65 29.28 -10.88
C SER A 350 1.49 29.32 -12.13
N VAL A 351 1.76 28.14 -12.70
CA VAL A 351 2.37 28.05 -14.03
C VAL A 351 1.57 28.85 -15.05
N ASN A 352 0.26 28.63 -15.10
CA ASN A 352 -0.59 29.26 -16.11
C ASN A 352 -0.96 30.70 -15.78
N LEU A 353 -1.19 31.03 -14.51
CA LEU A 353 -1.73 32.33 -14.13
C LEU A 353 -0.77 33.13 -13.25
N ASP A 354 -0.84 34.45 -13.38
CA ASP A 354 -0.11 35.37 -12.51
C ASP A 354 -1.13 36.13 -11.65
N ILE A 355 -1.39 35.59 -10.46
CA ILE A 355 -2.36 36.15 -9.55
C ILE A 355 -1.72 36.77 -8.34
N LEU A 356 -0.40 36.67 -8.20
CA LEU A 356 0.24 37.26 -7.03
C LEU A 356 -0.21 38.69 -6.76
N PRO A 357 -0.44 39.54 -7.77
CA PRO A 357 -0.78 40.93 -7.44
C PRO A 357 -2.11 41.10 -6.75
N TYR A 358 -3.06 40.16 -6.89
CA TYR A 358 -4.39 40.36 -6.31
C TYR A 358 -4.60 39.64 -4.99
N ALA A 359 -3.75 38.70 -4.62
CA ALA A 359 -4.00 37.89 -3.45
C ALA A 359 -3.09 38.36 -2.32
N ASP A 360 -3.63 38.34 -1.10
CA ASP A 360 -2.80 38.56 0.06
C ASP A 360 -2.11 37.27 0.45
N VAL A 361 -2.84 36.16 0.36
CA VAL A 361 -2.36 34.81 0.65
C VAL A 361 -2.80 33.91 -0.49
N VAL A 362 -1.96 32.94 -0.84
CA VAL A 362 -2.29 31.99 -1.92
C VAL A 362 -2.15 30.57 -1.37
N THR A 363 -3.24 29.82 -1.41
CA THR A 363 -3.24 28.43 -0.98
C THR A 363 -3.18 27.51 -2.19
N THR A 364 -2.57 26.34 -2.00
CA THR A 364 -2.34 25.40 -3.08
C THR A 364 -2.37 24.00 -2.48
N SER A 365 -3.00 23.07 -3.17
CA SER A 365 -2.92 21.66 -2.81
C SER A 365 -1.80 21.00 -3.61
N LEU A 366 -0.80 20.49 -2.90
CA LEU A 366 0.34 19.87 -3.56
C LEU A 366 0.02 18.45 -3.96
N THR A 367 -0.99 17.88 -3.31
CA THR A 367 -1.50 16.58 -3.68
C THR A 367 -1.90 16.50 -5.16
N ILE A 369 -1.96 18.57 -9.08
CA ILE A 369 -1.03 18.56 -10.21
C ILE A 369 0.39 18.83 -9.78
N PHE A 370 0.58 19.59 -8.70
CA PHE A 370 1.93 19.94 -8.31
C PHE A 370 2.79 18.68 -8.21
N ASN A 371 2.18 17.59 -7.74
CA ASN A 371 2.81 16.29 -7.59
C ASN A 371 2.62 15.43 -8.84
N GLY A 372 1.39 15.31 -9.29
CA GLY A 372 1.09 14.51 -10.45
C GLY A 372 0.80 13.09 -10.10
N ALA A 373 1.66 12.48 -9.30
CA ALA A 373 1.71 11.02 -9.13
C ALA A 373 0.53 10.45 -8.34
N CYS A 374 -0.24 11.25 -7.61
CA CYS A 374 -1.35 10.71 -6.79
C CYS A 374 -0.80 9.94 -5.60
N ASN A 375 0.47 10.12 -5.26
CA ASN A 375 1.06 9.33 -4.18
C ASN A 375 1.42 10.08 -2.90
N ALA A 376 1.53 11.40 -2.94
CA ALA A 376 1.90 12.11 -1.74
C ALA A 376 0.84 13.18 -1.49
N MET A 377 0.90 13.77 -0.31
CA MET A 377 -0.08 14.73 0.16
C MET A 377 0.66 15.94 0.69
N GLY A 378 0.08 17.12 0.50
CA GLY A 378 0.70 18.34 0.96
C GLY A 378 -0.08 19.59 0.61
N GLY A 379 -0.10 20.54 1.53
CA GLY A 379 -0.70 21.84 1.27
C GLY A 379 0.33 22.95 1.41
N SER A 380 0.14 24.01 0.63
CA SER A 380 0.97 25.20 0.66
C SER A 380 0.14 26.41 1.08
N LEU A 381 0.83 27.43 1.57
CA LEU A 381 0.23 28.71 1.96
C LEU A 381 1.27 29.79 1.68
N ILE A 382 0.98 30.71 0.77
CA ILE A 382 1.98 31.69 0.31
C ILE A 382 1.55 33.07 0.77
N VAL A 383 2.37 33.70 1.61
CA VAL A 383 2.11 35.04 2.13
C VAL A 383 2.83 36.03 1.23
N ASN A 384 2.06 36.79 0.48
CA ASN A 384 2.53 37.81 -0.42
C ASN A 384 3.27 38.91 0.34
N PRO A 385 4.60 39.01 0.19
CA PRO A 385 5.31 40.11 0.86
C PRO A 385 4.84 41.47 0.38
N ASN A 386 4.03 41.53 -0.66
CA ASN A 386 3.51 42.82 -1.06
C ASN A 386 2.25 43.19 -0.30
N SER A 387 1.60 42.21 0.32
CA SER A 387 0.36 42.45 1.03
C SER A 387 0.58 43.52 2.09
N ARG A 388 -0.46 44.32 2.34
CA ARG A 388 -0.42 45.28 3.44
C ARG A 388 -0.63 44.56 4.75
N HIS A 389 -0.93 43.26 4.72
CA HIS A 389 -1.22 42.46 5.89
C HIS A 389 -0.15 41.42 6.16
N TYR A 390 0.88 41.39 5.31
CA TYR A 390 2.03 40.48 5.43
C TYR A 390 2.52 40.34 6.87
N ARG A 391 2.88 41.46 7.51
CA ARG A 391 3.46 41.39 8.86
C ARG A 391 2.51 40.69 9.85
N ARG A 392 1.23 41.08 9.87
CA ARG A 392 0.30 40.51 10.84
C ARG A 392 -0.01 39.05 10.54
N ILE A 393 -0.07 38.69 9.24
CA ILE A 393 -0.36 37.31 8.84
C ILE A 393 0.87 36.42 9.05
N HIS A 394 2.03 36.86 8.55
CA HIS A 394 3.25 36.07 8.71
C HIS A 394 3.50 35.78 10.19
N THR A 395 3.45 36.83 11.03
CA THR A 395 3.76 36.66 12.44
C THR A 395 2.79 35.68 13.11
N TYR A 396 1.50 35.73 12.75
CA TYR A 396 0.59 34.74 13.33
C TYR A 396 1.02 33.33 12.91
N LEU A 397 0.99 33.06 11.60
CA LEU A 397 1.37 31.75 11.09
C LEU A 397 2.69 31.28 11.67
N GLN A 398 3.68 32.18 11.76
CA GLN A 398 4.98 31.76 12.23
C GLN A 398 4.95 31.41 13.70
N GLY A 399 4.38 32.29 14.52
CA GLY A 399 4.27 31.99 15.94
C GLY A 399 3.39 30.80 16.27
N HIS A 400 2.58 30.33 15.32
CA HIS A 400 1.74 29.16 15.52
C HIS A 400 2.14 27.99 14.61
N PHE A 401 3.35 27.99 14.08
CA PHE A 401 3.69 26.99 13.08
C PHE A 401 4.20 25.72 13.74
N GLU A 402 3.67 24.59 13.30
CA GLU A 402 4.16 23.25 13.61
C GLU A 402 4.31 22.52 12.29
N ASP A 403 5.42 21.80 12.12
CA ASP A 403 5.68 21.09 10.87
C ASP A 403 4.91 19.79 10.86
N LEU A 404 3.84 19.70 10.07
CA LEU A 404 3.06 18.46 10.06
C LEU A 404 3.07 17.80 8.69
N LEU A 405 4.02 18.17 7.84
CA LEU A 405 4.19 17.49 6.56
C LEU A 405 5.15 16.32 6.77
N PHE A 406 4.61 15.11 6.79
CA PHE A 406 5.42 13.93 7.02
C PHE A 406 6.56 13.89 6.02
N PRO A 407 7.79 13.59 6.46
CA PRO A 407 8.95 13.78 5.57
C PRO A 407 8.96 12.87 4.35
N ALA A 408 8.42 11.65 4.40
CA ALA A 408 8.37 10.84 3.18
C ALA A 408 7.58 11.54 2.07
N ASP A 409 6.35 11.95 2.38
CA ASP A 409 5.59 12.81 1.48
C ASP A 409 6.46 13.95 0.96
N ALA A 410 7.08 14.70 1.86
CA ALA A 410 7.89 15.84 1.45
C ALA A 410 8.91 15.43 0.43
N VAL A 411 9.41 14.20 0.50
CA VAL A 411 10.49 13.79 -0.39
C VAL A 411 9.96 13.56 -1.80
N VAL A 412 9.04 12.61 -1.97
CA VAL A 412 8.44 12.38 -3.27
C VAL A 412 7.86 13.65 -3.87
N LEU A 413 7.33 14.55 -3.02
CA LEU A 413 6.84 15.83 -3.51
C LEU A 413 7.96 16.66 -4.11
N SER A 414 9.06 16.80 -3.39
CA SER A 414 10.20 17.53 -3.93
C SER A 414 10.74 16.85 -5.18
N GLU A 415 10.58 15.54 -5.28
CA GLU A 415 11.02 14.88 -6.50
C GLU A 415 10.07 15.21 -7.65
N ASN A 416 8.77 15.01 -7.44
CA ASN A 416 7.82 15.11 -8.54
C ASN A 416 7.51 16.53 -8.96
N CYS A 417 7.85 17.51 -8.13
CA CYS A 417 7.52 18.88 -8.42
C CYS A 417 8.56 19.58 -9.28
N ILE A 418 9.56 18.87 -9.77
CA ILE A 418 10.53 19.56 -10.62
C ILE A 418 9.99 19.73 -12.02
N ASP A 419 9.34 18.70 -12.58
CA ASP A 419 8.64 18.86 -13.84
C ASP A 419 7.20 19.34 -13.66
N TYR A 420 6.91 20.03 -12.54
CA TYR A 420 5.57 20.58 -12.34
C TYR A 420 5.17 21.58 -13.41
N PRO A 421 6.05 22.47 -13.88
CA PRO A 421 5.65 23.40 -14.95
C PRO A 421 5.48 22.71 -16.28
N GLU A 422 6.26 21.68 -16.54
CA GLU A 422 6.20 21.03 -17.85
C GLU A 422 4.96 20.17 -17.94
N ARG A 423 4.61 19.50 -16.83
CA ARG A 423 3.39 18.70 -16.81
C ARG A 423 2.16 19.57 -16.89
N VAL A 424 2.12 20.68 -16.14
CA VAL A 424 1.03 21.63 -16.33
C VAL A 424 0.92 22.04 -17.79
N LYS A 425 2.04 22.47 -18.40
CA LYS A 425 2.02 22.88 -19.80
C LYS A 425 1.54 21.76 -20.74
N ARG A 426 2.06 20.54 -20.54
CA ARG A 426 1.61 19.44 -21.39
C ARG A 426 0.14 19.19 -21.20
N CYS A 427 -0.28 19.00 -19.94
CA CYS A 427 -1.69 18.72 -19.66
C CYS A 427 -2.59 19.87 -20.14
N SER A 428 -2.16 21.12 -19.92
CA SER A 428 -2.96 22.22 -20.40
C SER A 428 -3.13 22.15 -21.90
N ALA A 429 -2.13 21.66 -22.62
CA ALA A 429 -2.19 21.68 -24.08
C ALA A 429 -3.15 20.63 -24.60
N THR A 430 -3.06 19.41 -24.05
CA THR A 430 -4.01 18.34 -24.36
C THR A 430 -5.43 18.72 -24.02
N ALA A 431 -5.62 19.34 -22.84
CA ALA A 431 -6.96 19.68 -22.38
C ALA A 431 -7.66 20.62 -23.37
N ARG A 432 -6.99 21.72 -23.75
CA ARG A 432 -7.54 22.62 -24.77
C ARG A 432 -7.97 21.84 -26.00
N ALA A 433 -7.09 20.97 -26.46
CA ALA A 433 -7.36 20.12 -27.62
C ALA A 433 -8.69 19.40 -27.47
N ILE A 434 -8.82 18.52 -26.49
CA ILE A 434 -10.03 17.72 -26.47
C ILE A 434 -11.21 18.51 -25.93
N ALA A 435 -10.95 19.59 -25.19
CA ALA A 435 -12.04 20.50 -24.86
C ALA A 435 -12.66 21.06 -26.12
N HIS A 436 -11.83 21.46 -27.09
CA HIS A 436 -12.37 22.00 -28.32
C HIS A 436 -12.92 20.90 -29.20
N PHE A 437 -12.32 19.73 -29.12
CA PHE A 437 -12.83 18.56 -29.80
C PHE A 437 -14.26 18.25 -29.32
N LEU A 438 -14.42 18.03 -28.02
CA LEU A 438 -15.74 17.75 -27.45
C LEU A 438 -16.77 18.87 -27.58
N ALA A 439 -16.30 20.13 -27.65
CA ALA A 439 -17.15 21.30 -27.81
C ALA A 439 -17.94 21.18 -29.11
N ALA A 440 -17.36 20.50 -30.09
CA ALA A 440 -17.86 20.47 -31.47
C ALA A 440 -18.58 19.19 -31.83
N HIS A 441 -18.90 18.35 -30.84
CA HIS A 441 -19.64 17.12 -31.05
C HIS A 441 -21.13 17.33 -30.79
N PRO A 442 -22.00 16.84 -31.67
CA PRO A 442 -23.39 17.28 -31.62
C PRO A 442 -24.14 16.81 -30.40
N SER A 443 -23.62 15.82 -29.68
CA SER A 443 -24.25 15.31 -28.47
C SER A 443 -24.02 16.19 -27.24
N ILE A 444 -23.11 17.16 -27.33
CA ILE A 444 -22.80 18.03 -26.20
C ILE A 444 -23.40 19.42 -26.33
N ASP A 445 -23.89 19.93 -25.20
CA ASP A 445 -24.47 21.27 -25.17
C ASP A 445 -23.35 22.31 -25.18
N TYR A 446 -22.35 22.13 -24.33
CA TYR A 446 -21.19 23.01 -24.24
C TYR A 446 -20.21 22.37 -23.27
N VAL A 447 -18.97 22.85 -23.33
CA VAL A 447 -17.90 22.37 -22.48
C VAL A 447 -17.42 23.51 -21.59
N ASN A 448 -17.12 23.21 -20.34
CA ASN A 448 -16.54 24.20 -19.42
C ASN A 448 -15.02 24.10 -19.50
N TYR A 449 -14.40 25.12 -20.06
CA TYR A 449 -12.97 25.22 -20.19
C TYR A 449 -12.68 26.70 -20.39
N PRO A 450 -11.64 27.26 -19.77
CA PRO A 450 -11.41 28.70 -19.84
C PRO A 450 -11.51 29.34 -21.22
N THR A 451 -11.31 28.57 -22.29
CA THR A 451 -11.44 29.12 -23.62
C THR A 451 -12.88 29.22 -24.10
N LEU A 452 -13.85 28.61 -23.39
CA LEU A 452 -15.22 28.43 -23.87
C LEU A 452 -16.27 28.87 -22.87
N VAL A 453 -15.88 29.32 -21.69
CA VAL A 453 -16.82 29.64 -20.63
C VAL A 453 -17.12 31.13 -20.73
N PRO A 454 -18.26 31.59 -20.24
CA PRO A 454 -18.53 33.04 -20.21
C PRO A 454 -17.35 33.93 -19.78
N SER A 455 -16.46 33.46 -18.90
CA SER A 455 -15.44 34.33 -18.31
C SER A 455 -14.08 34.20 -18.98
N ARG A 456 -14.04 33.77 -20.24
CA ARG A 456 -12.78 33.60 -20.96
C ARG A 456 -11.87 34.84 -20.99
N GLU A 457 -12.48 36.02 -20.88
CA GLU A 457 -11.73 37.27 -20.92
C GLU A 457 -11.18 37.60 -19.54
N GLU A 458 -11.91 37.24 -18.47
CA GLU A 458 -11.34 37.29 -17.13
C GLU A 458 -10.09 36.42 -17.03
N TYR A 459 -10.19 35.17 -17.48
CA TYR A 459 -9.01 34.30 -17.48
C TYR A 459 -7.84 34.97 -18.21
N GLU A 460 -8.09 35.65 -19.31
CA GLU A 460 -6.99 36.22 -20.02
C GLU A 460 -6.28 37.31 -19.25
N ARG A 461 -6.95 38.00 -18.34
CA ARG A 461 -6.25 39.04 -17.59
C ARG A 461 -5.16 38.47 -16.73
N TYR A 462 -5.22 37.19 -16.39
CA TYR A 462 -4.23 36.61 -15.51
C TYR A 462 -3.38 35.55 -16.18
N ARG A 463 -3.58 35.28 -17.47
CA ARG A 463 -2.83 34.25 -18.19
C ARG A 463 -1.46 34.78 -18.59
N ARG A 464 -0.40 34.11 -18.14
CA ARG A 464 0.97 34.39 -18.58
C ARG A 464 1.17 34.07 -20.05
N ASP A 465 2.10 34.76 -20.69
CA ASP A 465 2.31 34.53 -22.11
C ASP A 465 2.98 33.20 -22.37
N GLY A 466 2.64 32.60 -23.52
CA GLY A 466 3.18 31.30 -23.83
C GLY A 466 2.72 30.20 -22.91
N GLU A 467 1.76 30.52 -22.03
CA GLU A 467 1.09 29.61 -21.11
C GLU A 467 -0.35 29.39 -21.50
N GLY A 468 -0.88 28.26 -21.05
CA GLY A 468 -2.13 27.73 -21.54
C GLY A 468 -3.30 27.93 -20.61
N TYR A 469 -4.30 27.07 -20.78
CA TYR A 469 -5.64 27.28 -20.26
C TYR A 469 -6.09 26.21 -19.26
N GLY A 470 -5.16 25.43 -18.72
CA GLY A 470 -5.47 24.57 -17.60
C GLY A 470 -5.76 23.13 -17.99
N TYR A 471 -5.82 22.29 -16.96
CA TYR A 471 -5.91 20.85 -17.15
C TYR A 471 -7.28 20.28 -16.85
N LEU A 472 -8.14 21.05 -16.20
CA LEU A 472 -9.49 20.65 -15.83
C LEU A 472 -10.49 21.19 -16.83
N LEU A 473 -11.55 20.42 -17.03
CA LEU A 473 -12.64 20.76 -17.92
C LEU A 473 -13.85 19.92 -17.52
N SER A 474 -15.04 20.32 -17.96
CA SER A 474 -16.22 19.53 -17.68
C SER A 474 -17.16 19.57 -18.87
N ILE A 475 -17.92 18.51 -19.04
CA ILE A 475 -18.77 18.31 -20.21
C ILE A 475 -20.22 18.46 -19.79
N VAL A 476 -20.97 19.27 -20.51
CA VAL A 476 -22.42 19.34 -20.32
C VAL A 476 -23.08 18.79 -21.57
N PHE A 477 -23.60 17.55 -21.50
CA PHE A 477 -24.27 16.90 -22.63
C PHE A 477 -25.70 17.41 -22.81
N ARG A 478 -26.27 17.14 -23.99
CA ARG A 478 -27.63 17.60 -24.27
C ARG A 478 -28.67 16.79 -23.50
N GLU A 479 -28.58 15.45 -23.54
CA GLU A 479 -29.48 14.56 -22.83
C GLU A 479 -28.73 13.77 -21.76
N PRO A 480 -29.23 13.72 -20.54
CA PRO A 480 -28.43 13.11 -19.46
C PRO A 480 -28.33 11.61 -19.57
N ASP A 481 -29.28 10.94 -20.21
CA ASP A 481 -29.10 9.51 -20.50
C ASP A 481 -27.78 9.30 -21.22
N PHE A 482 -27.45 10.20 -22.17
CA PHE A 482 -26.26 10.03 -22.99
C PHE A 482 -24.99 10.12 -22.15
N ALA A 483 -24.85 11.22 -21.41
CA ALA A 483 -23.78 11.37 -20.43
C ALA A 483 -23.50 10.07 -19.66
N VAL A 484 -24.55 9.43 -19.17
CA VAL A 484 -24.38 8.22 -18.35
C VAL A 484 -23.79 7.08 -19.17
N ARG A 485 -24.40 6.78 -20.31
CA ARG A 485 -23.80 5.80 -21.22
C ARG A 485 -22.38 6.20 -21.60
N PHE A 486 -22.12 7.51 -21.74
CA PHE A 486 -20.79 7.97 -22.15
C PHE A 486 -19.75 7.68 -21.10
N PHE A 487 -20.07 8.04 -19.85
CA PHE A 487 -19.18 7.82 -18.74
C PHE A 487 -18.84 6.34 -18.59
N ASP A 488 -19.86 5.49 -18.72
CA ASP A 488 -19.64 4.05 -18.61
C ASP A 488 -18.69 3.56 -19.69
N ALA A 489 -18.94 3.97 -20.92
CA ALA A 489 -18.14 3.51 -22.04
C ALA A 489 -16.72 4.06 -22.02
N LEU A 490 -16.42 5.01 -21.15
CA LEU A 490 -15.13 5.70 -21.20
C LEU A 490 -14.05 4.87 -20.49
N ASP A 491 -13.14 4.28 -21.26
CA ASP A 491 -12.12 3.38 -20.71
C ASP A 491 -10.91 4.17 -20.22
N ILE A 492 -11.13 5.08 -19.27
CA ILE A 492 -10.03 5.72 -18.55
C ILE A 492 -10.28 5.61 -17.05
N TRP A 493 -9.32 6.06 -16.25
CA TRP A 493 -9.45 6.12 -14.79
C TRP A 493 -10.70 6.90 -14.37
N LYS A 494 -11.44 6.36 -13.40
CA LYS A 494 -12.60 7.05 -12.85
C LYS A 494 -12.43 7.27 -11.34
N GLY A 495 -12.78 8.48 -10.85
CA GLY A 495 -12.69 8.77 -9.44
C GLY A 495 -12.57 10.24 -9.10
N PRO A 496 -12.41 10.55 -7.80
CA PRO A 496 -12.49 11.95 -7.34
C PRO A 496 -11.21 12.76 -7.44
N SER A 497 -10.07 12.15 -7.75
CA SER A 497 -8.81 12.89 -7.80
C SER A 497 -8.77 13.76 -9.03
N ILE A 498 -7.99 14.84 -8.93
CA ILE A 498 -7.64 15.68 -10.07
C ILE A 498 -6.16 15.99 -10.00
N GLY A 499 -5.65 16.57 -11.09
CA GLY A 499 -4.25 16.91 -11.18
C GLY A 499 -3.31 15.72 -11.25
N THR A 500 -3.73 14.62 -11.86
CA THR A 500 -2.94 13.40 -11.94
C THR A 500 -2.26 13.28 -13.29
N ASN A 501 -1.17 12.48 -13.33
CA ASN A 501 -0.47 12.25 -14.59
C ASN A 501 -1.30 11.41 -15.54
N SER A 502 -2.29 10.69 -15.03
CA SER A 502 -3.24 9.95 -15.85
C SER A 502 -4.57 10.68 -15.86
N SER A 503 -5.22 10.73 -17.01
CA SER A 503 -6.52 11.35 -17.09
C SER A 503 -7.53 10.53 -16.29
N ILE A 504 -8.50 11.24 -15.71
CA ILE A 504 -9.42 10.65 -14.73
C ILE A 504 -10.72 11.42 -14.88
N ALA A 505 -11.84 10.70 -14.71
CA ALA A 505 -13.18 11.30 -14.89
C ALA A 505 -14.06 11.07 -13.67
N LEU A 506 -15.06 11.91 -13.47
CA LEU A 506 -15.97 11.78 -12.33
C LEU A 506 -17.36 12.32 -12.68
N PRO A 507 -18.39 11.47 -12.53
CA PRO A 507 -19.77 11.84 -12.84
C PRO A 507 -20.48 12.51 -11.66
N TYR A 508 -21.79 12.56 -11.66
CA TYR A 508 -22.43 13.19 -10.51
C TYR A 508 -22.58 12.24 -9.38
N SER A 509 -22.47 10.93 -9.64
CA SER A 509 -22.57 9.95 -8.57
C SER A 509 -21.72 10.36 -7.39
N VAL A 510 -20.69 11.13 -7.69
CA VAL A 510 -19.80 11.67 -6.70
C VAL A 510 -19.91 13.19 -6.75
N LEU A 511 -19.17 13.87 -5.87
CA LEU A 511 -19.18 15.32 -5.74
C LEU A 511 -20.62 15.80 -5.50
N ALA A 512 -21.26 15.14 -4.54
CA ALA A 512 -22.63 15.41 -4.17
C ALA A 512 -22.58 15.59 -2.69
N HIS A 513 -21.75 16.52 -2.25
CA HIS A 513 -21.58 16.84 -0.85
C HIS A 513 -21.30 15.59 -0.05
N VAL A 525 -25.44 24.69 -12.20
CA VAL A 525 -24.71 23.42 -12.22
C VAL A 525 -25.63 22.23 -12.53
N PRO A 526 -25.65 21.79 -13.79
CA PRO A 526 -26.47 20.62 -14.15
C PRO A 526 -26.03 19.39 -13.37
N LYS A 527 -26.89 18.38 -13.38
CA LYS A 527 -26.71 17.22 -12.54
C LYS A 527 -26.23 15.99 -13.29
N HIS A 528 -26.02 16.10 -14.60
CA HIS A 528 -25.42 15.04 -15.41
C HIS A 528 -24.04 15.46 -15.91
N ILE A 529 -23.37 16.33 -15.15
CA ILE A 529 -22.09 16.87 -15.58
C ILE A 529 -21.01 15.80 -15.44
N VAL A 530 -20.05 15.81 -16.37
CA VAL A 530 -18.95 14.86 -16.38
C VAL A 530 -17.65 15.65 -16.40
N ARG A 531 -16.86 15.52 -15.35
CA ARG A 531 -15.64 16.31 -15.17
C ARG A 531 -14.42 15.48 -15.56
N LEU A 532 -13.50 16.13 -16.26
CA LEU A 532 -12.33 15.48 -16.82
C LEU A 532 -11.10 16.25 -16.39
N SER A 533 -10.20 15.59 -15.66
CA SER A 533 -8.86 16.10 -15.41
C SER A 533 -7.91 15.45 -16.41
N VAL A 534 -7.33 16.25 -17.30
CA VAL A 534 -6.53 15.74 -18.41
C VAL A 534 -5.10 15.50 -17.96
N GLY A 535 -4.57 14.31 -18.27
CA GLY A 535 -3.26 13.88 -17.82
C GLY A 535 -2.18 14.08 -18.85
N LEU A 536 -1.09 13.32 -18.68
CA LEU A 536 0.12 13.41 -19.49
C LEU A 536 0.07 12.54 -20.73
N GLU A 537 -1.08 11.98 -21.06
CA GLU A 537 -1.19 11.06 -22.18
C GLU A 537 -1.20 11.82 -23.49
N SER A 538 -0.87 11.11 -24.56
CA SER A 538 -0.94 11.68 -25.90
C SER A 538 -2.36 12.15 -26.21
N GLU A 539 -2.45 13.19 -27.05
CA GLU A 539 -3.74 13.76 -27.44
C GLU A 539 -4.53 12.73 -28.25
N ALA A 540 -3.83 11.88 -28.99
CA ALA A 540 -4.50 10.86 -29.79
C ALA A 540 -5.11 9.79 -28.91
N TRP A 541 -4.31 9.23 -28.00
CA TRP A 541 -4.78 8.19 -27.09
C TRP A 541 -6.05 8.63 -26.40
N LEU A 542 -6.00 9.81 -25.79
CA LEU A 542 -7.19 10.40 -25.18
C LEU A 542 -8.29 10.61 -26.20
N ARG A 543 -7.97 11.18 -27.35
CA ARG A 543 -8.98 11.38 -28.37
C ARG A 543 -9.58 10.06 -28.77
N ASP A 544 -8.76 9.05 -28.90
CA ASP A 544 -9.27 7.71 -29.16
C ASP A 544 -10.31 7.31 -28.11
N ARG A 545 -9.89 7.23 -26.83
CA ARG A 545 -10.78 6.76 -25.76
C ARG A 545 -12.09 7.55 -25.69
N VAL A 546 -12.03 8.87 -25.90
CA VAL A 546 -13.24 9.71 -25.88
C VAL A 546 -14.15 9.38 -27.05
N THR A 547 -13.57 9.29 -28.26
CA THR A 547 -14.32 8.97 -29.47
C THR A 547 -15.04 7.65 -29.35
N GLU A 548 -14.32 6.61 -28.95
CA GLU A 548 -14.95 5.32 -28.80
C GLU A 548 -16.09 5.37 -27.80
N ALA A 549 -15.90 6.11 -26.70
CA ALA A 549 -16.95 6.22 -25.69
C ALA A 549 -18.15 6.98 -26.24
N LEU A 550 -17.91 7.98 -27.08
CA LEU A 550 -19.01 8.68 -27.74
C LEU A 550 -19.84 7.73 -28.60
N ALA A 551 -19.18 6.86 -29.36
CA ALA A 551 -19.92 5.95 -30.21
C ALA A 551 -20.74 4.96 -29.39
N LYS A 552 -20.18 4.49 -28.27
CA LYS A 552 -20.91 3.49 -27.48
C LYS A 552 -22.19 4.07 -26.90
N ALA A 553 -22.22 5.36 -26.62
CA ALA A 553 -23.40 5.97 -26.06
C ALA A 553 -24.42 6.38 -27.12
N THR A 554 -24.07 6.30 -28.41
CA THR A 554 -25.13 6.60 -29.35
C THR A 554 -25.76 5.31 -29.86
N PRO A 555 -27.07 5.27 -30.14
CA PRO A 555 -27.75 4.05 -30.62
C PRO A 555 -27.35 3.59 -32.02
N GLY B 73 -3.72 0.29 -8.26
CA GLY B 73 -3.78 -1.16 -8.42
C GLY B 73 -3.17 -1.50 -9.77
N LEU B 74 -2.21 -2.43 -9.82
CA LEU B 74 -1.54 -2.69 -11.09
C LEU B 74 -2.43 -3.50 -12.02
N THR B 75 -3.09 -4.53 -11.49
CA THR B 75 -4.13 -5.19 -12.26
C THR B 75 -5.12 -4.16 -12.80
N GLU B 76 -5.70 -3.35 -11.95
CA GLU B 76 -6.67 -2.38 -12.44
C GLU B 76 -6.04 -1.44 -13.48
N ALA B 77 -4.80 -1.00 -13.27
CA ALA B 77 -4.19 -0.08 -14.23
C ALA B 77 -3.94 -0.75 -15.56
N ALA B 78 -3.72 -2.07 -15.56
CA ALA B 78 -3.46 -2.78 -16.80
C ALA B 78 -4.74 -2.98 -17.61
N LEU B 79 -5.81 -3.44 -16.94
CA LEU B 79 -7.12 -3.58 -17.59
C LEU B 79 -7.57 -2.32 -18.34
N ILE B 80 -7.21 -1.14 -17.82
CA ILE B 80 -7.56 0.08 -18.50
C ILE B 80 -6.73 0.27 -19.76
N ARG B 81 -5.42 -0.01 -19.67
CA ARG B 81 -4.56 0.18 -20.83
C ARG B 81 -5.02 -0.67 -22.01
N VAL B 82 -5.60 -1.84 -21.73
CA VAL B 82 -6.05 -2.74 -22.79
C VAL B 82 -7.57 -2.69 -22.97
N LYS B 83 -8.20 -1.60 -22.52
CA LYS B 83 -9.58 -1.27 -22.86
C LYS B 83 -10.54 -2.36 -22.44
N ARG B 84 -10.30 -3.02 -21.30
CA ARG B 84 -11.16 -4.11 -20.82
C ARG B 84 -11.40 -3.79 -19.34
N PRO B 85 -12.27 -2.83 -19.01
CA PRO B 85 -12.54 -2.55 -17.59
C PRO B 85 -13.59 -3.53 -17.04
N THR B 86 -14.30 -4.30 -17.88
CA THR B 86 -15.28 -5.27 -17.39
C THR B 86 -15.27 -6.55 -18.25
N GLY B 87 -15.77 -7.62 -17.62
CA GLY B 87 -16.06 -8.89 -18.28
C GLY B 87 -15.19 -10.05 -17.80
N VAL B 88 -13.98 -9.77 -17.35
CA VAL B 88 -12.95 -10.79 -17.27
C VAL B 88 -12.21 -10.71 -15.94
N LYS B 89 -11.62 -11.85 -15.56
CA LYS B 89 -10.63 -11.97 -14.49
C LYS B 89 -9.23 -11.82 -15.07
N ALA B 90 -8.25 -11.57 -14.20
CA ALA B 90 -6.89 -11.38 -14.69
C ALA B 90 -5.87 -11.65 -13.61
N ARG B 91 -4.76 -12.25 -14.02
CA ARG B 91 -3.64 -12.53 -13.13
C ARG B 91 -2.42 -11.93 -13.79
N ILE B 92 -1.37 -11.72 -12.99
CA ILE B 92 -0.13 -11.11 -13.45
C ILE B 92 1.01 -12.08 -13.15
N PHE B 93 1.79 -12.41 -14.18
CA PHE B 93 2.82 -13.44 -14.13
C PHE B 93 4.18 -12.87 -14.56
N ILE B 94 5.21 -13.69 -14.42
CA ILE B 94 6.58 -13.29 -14.74
C ILE B 94 7.00 -13.72 -16.13
N SER B 95 6.66 -14.95 -16.53
CA SER B 95 7.06 -15.52 -17.79
C SER B 95 5.84 -15.85 -18.63
N ARG B 96 5.98 -15.68 -19.95
CA ARG B 96 4.95 -16.17 -20.86
C ARG B 96 4.73 -17.67 -20.69
N GLU B 97 5.76 -18.38 -20.23
CA GLU B 97 5.62 -19.80 -19.93
C GLU B 97 4.53 -20.01 -18.90
N ALA B 98 4.69 -19.40 -17.72
CA ALA B 98 3.67 -19.54 -16.69
C ALA B 98 2.29 -19.17 -17.21
N ALA B 99 2.23 -18.16 -18.04
CA ALA B 99 0.97 -17.72 -18.56
C ALA B 99 0.29 -18.83 -19.30
N SER B 100 1.10 -19.70 -19.87
CA SER B 100 0.58 -20.80 -20.65
C SER B 100 0.02 -21.88 -19.81
N ARG B 101 0.53 -22.01 -18.59
CA ARG B 101 0.03 -23.00 -17.65
C ARG B 101 -1.43 -22.67 -17.40
N LEU B 102 -1.69 -21.41 -17.10
CA LEU B 102 -3.02 -20.93 -16.88
C LEU B 102 -3.79 -21.06 -18.15
N GLU B 103 -3.20 -20.66 -19.26
CA GLU B 103 -3.94 -20.81 -20.51
C GLU B 103 -4.26 -22.27 -20.80
N HIS B 104 -3.36 -23.18 -20.39
CA HIS B 104 -3.64 -24.61 -20.51
C HIS B 104 -4.71 -25.05 -19.52
N THR B 105 -4.54 -24.70 -18.23
CA THR B 105 -5.49 -25.09 -17.19
C THR B 105 -6.90 -24.60 -17.48
N VAL B 106 -7.03 -23.43 -18.13
CA VAL B 106 -8.35 -22.96 -18.50
C VAL B 106 -8.83 -23.68 -19.74
N LYS B 107 -7.92 -23.98 -20.68
CA LYS B 107 -8.31 -24.61 -21.93
C LYS B 107 -8.64 -26.10 -21.77
N VAL B 108 -8.07 -26.76 -20.75
CA VAL B 108 -8.48 -28.14 -20.50
C VAL B 108 -9.87 -28.18 -19.87
N LYS B 109 -10.11 -27.38 -18.83
CA LYS B 109 -11.43 -27.31 -18.22
C LYS B 109 -12.47 -26.74 -19.17
N ASP B 110 -12.04 -26.01 -20.20
CA ASP B 110 -12.94 -25.29 -21.08
C ASP B 110 -12.20 -24.73 -22.28
N PRO B 111 -12.02 -25.53 -23.35
CA PRO B 111 -11.60 -24.93 -24.63
C PRO B 111 -12.71 -24.05 -25.18
N ALA B 112 -12.31 -23.14 -26.07
CA ALA B 112 -13.14 -22.11 -26.71
C ALA B 112 -13.28 -20.85 -25.85
N ALA B 113 -12.98 -20.91 -24.56
CA ALA B 113 -12.89 -19.68 -23.78
C ALA B 113 -11.81 -18.77 -24.34
N LYS B 114 -12.15 -17.50 -24.57
CA LYS B 114 -11.17 -16.52 -25.04
C LYS B 114 -10.19 -16.20 -23.91
N VAL B 115 -8.97 -16.71 -24.04
CA VAL B 115 -7.87 -16.35 -23.15
C VAL B 115 -6.91 -15.46 -23.93
N SER B 116 -6.57 -14.32 -23.34
CA SER B 116 -5.76 -13.32 -23.98
C SER B 116 -4.51 -13.12 -23.13
N VAL B 117 -3.35 -12.98 -23.76
CA VAL B 117 -2.11 -12.84 -23.03
C VAL B 117 -1.39 -11.65 -23.62
N VAL B 118 -1.18 -10.62 -22.80
CA VAL B 118 -0.45 -9.41 -23.17
C VAL B 118 0.84 -9.34 -22.37
N GLN B 119 1.93 -8.97 -23.04
CA GLN B 119 3.19 -8.72 -22.38
C GLN B 119 3.48 -7.22 -22.34
N PHE B 120 4.03 -6.78 -21.23
CA PHE B 120 4.31 -5.37 -20.98
C PHE B 120 5.80 -5.21 -20.71
N GLU B 121 6.39 -4.17 -21.26
CA GLU B 121 7.83 -4.04 -21.42
C GLU B 121 8.22 -2.59 -21.36
N LEU B 122 9.16 -2.24 -20.51
CA LEU B 122 9.90 -1.01 -20.68
C LEU B 122 11.06 -1.36 -21.61
N ARG B 123 10.95 -0.96 -22.88
CA ARG B 123 11.87 -1.48 -23.89
C ARG B 123 13.29 -0.96 -23.69
N GLN B 124 13.47 0.34 -23.60
CA GLN B 124 14.79 0.90 -23.36
C GLN B 124 14.73 1.88 -22.21
N SER B 125 15.86 2.03 -21.54
CA SER B 125 15.97 2.86 -20.36
C SER B 125 17.41 3.30 -20.26
N ASN B 126 17.62 4.54 -19.83
CA ASN B 126 18.99 4.99 -19.76
C ASN B 126 19.73 4.26 -18.64
N SER B 127 18.96 3.67 -17.72
CA SER B 127 19.56 2.82 -16.67
C SER B 127 19.07 1.42 -17.01
N PRO B 128 19.77 0.65 -17.87
CA PRO B 128 19.27 -0.65 -18.33
C PRO B 128 18.67 -1.51 -17.20
N ASP B 129 19.25 -1.46 -16.00
CA ASP B 129 18.77 -2.34 -14.94
C ASP B 129 17.25 -2.34 -14.91
N LEU B 130 16.63 -1.16 -14.97
CA LEU B 130 15.18 -1.04 -14.81
C LEU B 130 14.41 -1.83 -15.88
N SER B 131 14.70 -1.54 -17.15
CA SER B 131 14.00 -2.20 -18.26
C SER B 131 14.09 -3.72 -18.19
N ASN B 132 15.05 -4.26 -17.44
CA ASN B 132 15.11 -5.70 -17.21
C ASN B 132 13.98 -6.15 -16.27
N TRP B 133 13.62 -5.31 -15.30
CA TRP B 133 12.64 -5.67 -14.29
C TRP B 133 11.24 -5.18 -14.59
N ALA B 134 11.11 -4.03 -15.26
CA ALA B 134 9.81 -3.49 -15.64
C ALA B 134 9.24 -4.30 -16.82
N ARG B 135 9.01 -5.59 -16.58
CA ARG B 135 8.34 -6.47 -17.53
C ARG B 135 7.32 -7.26 -16.75
N PHE B 136 6.18 -7.55 -17.38
CA PHE B 136 5.26 -8.52 -16.79
C PHE B 136 4.31 -8.97 -17.88
N VAL B 137 3.45 -9.91 -17.52
CA VAL B 137 2.57 -10.61 -18.45
C VAL B 137 1.17 -10.56 -17.88
N LEU B 138 0.26 -9.89 -18.56
CA LEU B 138 -1.13 -9.91 -18.16
C LEU B 138 -1.83 -11.06 -18.84
N VAL B 139 -2.54 -11.87 -18.05
CA VAL B 139 -3.36 -12.96 -18.57
C VAL B 139 -4.81 -12.64 -18.23
N LEU B 140 -5.59 -12.26 -19.25
CA LEU B 140 -7.04 -12.08 -19.08
C LEU B 140 -7.78 -13.36 -19.47
N PHE B 141 -8.85 -13.68 -18.73
CA PHE B 141 -9.61 -14.88 -19.06
C PHE B 141 -11.03 -14.74 -18.50
N PRO B 142 -12.02 -15.40 -19.10
CA PRO B 142 -13.43 -15.15 -18.74
C PRO B 142 -13.71 -15.30 -17.25
N GLU B 143 -14.52 -14.37 -16.73
CA GLU B 143 -14.84 -14.33 -15.31
C GLU B 143 -15.67 -15.52 -14.83
N SER B 144 -16.22 -16.32 -15.74
CA SER B 144 -16.96 -17.50 -15.34
C SER B 144 -16.04 -18.61 -14.87
N PHE B 145 -14.74 -18.47 -15.10
CA PHE B 145 -13.80 -19.53 -14.77
C PHE B 145 -13.47 -19.45 -13.30
N GLU B 146 -13.69 -20.57 -12.60
CA GLU B 146 -13.30 -20.67 -11.20
C GLU B 146 -12.02 -21.50 -11.12
N GLU B 147 -11.01 -20.97 -10.44
CA GLU B 147 -9.77 -21.71 -10.25
C GLU B 147 -9.98 -22.83 -9.23
N ASP B 148 -9.46 -24.02 -9.55
CA ASP B 148 -9.34 -25.04 -8.53
C ASP B 148 -8.14 -24.72 -7.64
N ALA B 149 -8.02 -25.49 -6.55
CA ALA B 149 -6.94 -25.27 -5.60
C ALA B 149 -5.57 -25.27 -6.29
N PHE B 150 -5.42 -26.19 -7.24
CA PHE B 150 -4.16 -26.28 -8.01
C PHE B 150 -3.80 -24.91 -8.56
N THR B 151 -4.66 -24.33 -9.39
CA THR B 151 -4.33 -23.06 -10.09
C THR B 151 -4.02 -22.04 -8.99
N PHE B 152 -4.86 -21.95 -7.96
CA PHE B 152 -4.65 -20.95 -6.91
C PHE B 152 -3.19 -20.93 -6.46
N TRP B 153 -2.59 -22.10 -6.28
CA TRP B 153 -1.22 -22.19 -5.76
C TRP B 153 -0.18 -22.00 -6.84
N LEU B 154 -0.37 -22.64 -8.01
CA LEU B 154 0.56 -22.43 -9.11
C LEU B 154 0.62 -20.96 -9.48
N ASN B 155 -0.43 -20.21 -9.22
CA ASN B 155 -0.43 -18.80 -9.54
C ASN B 155 0.30 -17.99 -8.47
N HIS B 156 0.26 -18.45 -7.23
CA HIS B 156 1.07 -17.82 -6.18
C HIS B 156 2.54 -17.91 -6.53
N GLY B 157 2.98 -19.09 -6.99
CA GLY B 157 4.36 -19.27 -7.39
C GLY B 157 4.73 -18.61 -8.71
N ASP B 158 3.78 -18.53 -9.64
CA ASP B 158 4.03 -17.89 -10.91
C ASP B 158 3.66 -16.40 -10.92
N GLY B 159 3.27 -15.84 -9.77
CA GLY B 159 2.89 -14.44 -9.67
C GLY B 159 4.09 -13.54 -9.52
N ILE B 160 3.82 -12.26 -9.23
CA ILE B 160 4.91 -11.32 -9.00
C ILE B 160 4.70 -10.66 -7.66
N SER B 161 5.83 -10.26 -7.04
CA SER B 161 5.87 -9.59 -5.75
C SER B 161 4.94 -8.38 -5.71
N ASN B 162 4.49 -8.05 -4.51
CA ASN B 162 3.76 -6.80 -4.33
C ASN B 162 4.68 -5.60 -4.56
N ARG B 163 5.92 -5.70 -4.09
CA ARG B 163 6.89 -4.66 -4.30
C ARG B 163 7.21 -4.55 -5.79
N HIS B 164 7.30 -5.69 -6.47
CA HIS B 164 7.59 -5.73 -7.90
C HIS B 164 6.46 -5.11 -8.72
N ALA B 165 5.21 -5.37 -8.31
CA ALA B 165 4.07 -4.86 -9.05
C ALA B 165 3.90 -3.35 -8.85
N GLU B 166 4.28 -2.83 -7.70
CA GLU B 166 4.18 -1.39 -7.49
C GLU B 166 5.22 -0.65 -8.31
N PHE B 167 6.45 -1.16 -8.36
CA PHE B 167 7.46 -0.70 -9.30
C PHE B 167 6.87 -0.58 -10.71
N CYS B 168 6.35 -1.70 -11.24
CA CYS B 168 5.73 -1.72 -12.57
C CYS B 168 4.60 -0.70 -12.73
N ASN B 169 3.74 -0.58 -11.72
CA ASN B 169 2.69 0.43 -11.77
C ASN B 169 3.26 1.85 -11.95
N ASN B 170 4.22 2.23 -11.11
CA ASN B 170 4.88 3.53 -11.24
C ASN B 170 5.51 3.74 -12.61
N LEU B 171 5.59 2.68 -13.43
CA LEU B 171 6.23 2.74 -14.74
C LEU B 171 5.33 2.32 -15.89
N LEU B 172 4.15 1.77 -15.61
CA LEU B 172 3.28 1.26 -16.67
C LEU B 172 3.06 2.27 -17.80
N ASP B 173 2.99 3.57 -17.50
CA ASP B 173 2.77 4.53 -18.56
C ASP B 173 3.90 4.51 -19.59
N PHE B 174 5.15 4.41 -19.12
CA PHE B 174 6.33 4.40 -19.96
C PHE B 174 6.53 3.08 -20.70
N MET B 175 5.67 2.09 -20.46
CA MET B 175 5.83 0.73 -20.94
C MET B 175 4.94 0.48 -22.16
N ASP B 176 5.48 -0.23 -23.15
CA ASP B 176 4.71 -0.65 -24.31
C ASP B 176 4.12 -2.03 -24.04
N SER B 177 3.22 -2.47 -24.94
CA SER B 177 2.57 -3.76 -24.84
C SER B 177 2.60 -4.46 -26.19
N ARG B 178 2.39 -5.77 -26.12
CA ARG B 178 2.41 -6.63 -27.33
C ARG B 178 1.72 -7.95 -27.00
N CYS B 179 0.65 -8.28 -27.72
CA CYS B 179 -0.02 -9.59 -27.57
C CYS B 179 0.68 -10.53 -28.54
N TYR B 186 -4.01 -4.36 -27.93
CA TYR B 186 -3.08 -4.81 -26.90
C TYR B 186 -1.62 -4.59 -27.30
N GLN B 187 -1.37 -4.00 -28.48
CA GLN B 187 -0.01 -3.75 -28.96
C GLN B 187 0.34 -2.26 -28.91
N THR B 188 -0.33 -1.52 -28.05
CA THR B 188 -0.21 -0.07 -27.98
C THR B 188 1.14 0.39 -27.39
N CYS B 189 1.75 1.37 -28.04
CA CYS B 189 2.80 2.13 -27.39
C CYS B 189 2.25 2.79 -26.15
N GLY B 190 3.10 2.98 -25.14
CA GLY B 190 2.66 3.52 -23.88
C GLY B 190 2.38 5.00 -23.97
N PRO B 191 1.40 5.46 -23.19
CA PRO B 191 1.07 6.90 -23.18
C PRO B 191 2.21 7.81 -22.80
N ARG B 192 3.27 7.30 -22.16
CA ARG B 192 4.44 8.13 -21.85
C ARG B 192 5.73 7.51 -22.40
N SER B 193 5.61 6.66 -23.42
CA SER B 193 6.77 5.99 -23.99
C SER B 193 7.81 7.01 -24.42
N GLY B 194 9.07 6.70 -24.13
CA GLY B 194 10.19 7.49 -24.53
C GLY B 194 10.56 8.58 -23.54
N ASP B 195 9.59 9.09 -22.80
CA ASP B 195 9.87 10.11 -21.79
C ASP B 195 10.74 9.52 -20.68
N LYS B 196 11.51 10.38 -20.03
CA LYS B 196 12.39 9.95 -18.94
C LYS B 196 11.58 9.84 -17.66
N PRO B 197 11.57 8.68 -17.01
CA PRO B 197 10.82 8.59 -15.75
C PRO B 197 11.56 9.31 -14.64
N LEU B 200 14.45 7.54 -9.87
CA LEU B 200 15.20 6.30 -9.89
C LEU B 200 14.99 5.54 -8.59
N PRO B 201 14.83 4.22 -8.64
CA PRO B 201 14.71 3.43 -7.41
C PRO B 201 16.00 3.40 -6.64
N THR B 202 15.87 3.18 -5.34
CA THR B 202 17.04 3.18 -4.45
C THR B 202 18.03 2.09 -4.83
N TRP B 203 17.55 0.89 -5.09
CA TRP B 203 18.47 -0.23 -5.26
C TRP B 203 19.37 -0.05 -6.48
N THR B 204 20.45 -0.84 -6.53
CA THR B 204 21.47 -0.73 -7.58
C THR B 204 22.01 -2.13 -7.89
N ASN B 205 22.57 -2.28 -9.09
CA ASN B 205 23.14 -3.56 -9.53
C ASN B 205 22.17 -4.74 -9.41
N SER B 206 20.87 -4.48 -9.61
CA SER B 206 19.80 -5.46 -9.41
C SER B 206 19.76 -5.94 -7.97
N GLY B 207 20.35 -5.18 -7.05
CA GLY B 207 20.43 -5.58 -5.67
C GLY B 207 21.31 -6.77 -5.41
N LEU B 208 22.26 -7.07 -6.32
CA LEU B 208 23.14 -8.22 -6.14
C LEU B 208 23.83 -8.19 -4.80
N GLU B 209 24.16 -7.00 -4.29
CA GLU B 209 24.89 -6.92 -3.02
C GLU B 209 24.09 -7.51 -1.87
N GLU B 210 22.80 -7.16 -1.79
CA GLU B 210 21.96 -7.63 -0.70
C GLU B 210 21.54 -9.09 -0.87
N LYS B 211 21.52 -9.61 -2.10
CA LYS B 211 21.20 -11.03 -2.26
C LYS B 211 22.35 -11.92 -1.82
N MET B 212 23.59 -11.43 -1.89
CA MET B 212 24.69 -12.19 -1.32
C MET B 212 24.67 -12.16 0.20
N VAL B 213 24.15 -11.07 0.78
CA VAL B 213 23.90 -11.07 2.22
C VAL B 213 22.94 -12.19 2.58
N ILE B 214 21.71 -12.11 2.08
CA ILE B 214 20.70 -13.16 2.26
C ILE B 214 21.30 -14.55 2.09
N LYS B 215 22.00 -14.76 0.96
CA LYS B 215 22.64 -16.06 0.71
C LYS B 215 23.55 -16.47 1.85
N SER B 216 24.22 -15.52 2.49
CA SER B 216 25.21 -15.89 3.49
C SER B 216 24.56 -16.18 4.84
N VAL B 217 23.73 -15.26 5.32
CA VAL B 217 22.88 -15.51 6.49
C VAL B 217 22.23 -16.89 6.40
N LEU B 218 21.72 -17.24 5.23
CA LEU B 218 21.12 -18.54 5.07
C LEU B 218 22.15 -19.65 5.20
N ALA B 219 23.35 -19.40 4.71
CA ALA B 219 24.37 -20.44 4.77
C ALA B 219 24.96 -20.54 6.16
N LYS B 220 25.00 -19.41 6.87
CA LYS B 220 25.55 -19.44 8.22
C LYS B 220 24.60 -20.19 9.16
N CYS B 221 23.32 -19.89 9.09
CA CYS B 221 22.38 -20.49 10.03
C CYS B 221 22.15 -21.99 9.79
N ILE B 222 22.59 -22.54 8.66
CA ILE B 222 22.30 -23.94 8.31
C ILE B 222 23.47 -24.87 8.60
N ARG B 223 24.69 -24.33 8.76
CA ARG B 223 25.89 -25.09 9.16
C ARG B 223 25.57 -26.01 10.34
N SER B 224 25.94 -27.27 10.22
CA SER B 224 25.46 -28.24 11.18
C SER B 224 26.26 -28.18 12.48
N GLU B 225 25.65 -28.65 13.57
CA GLU B 225 26.36 -28.79 14.84
C GLU B 225 27.38 -29.91 14.79
N ASN B 226 27.27 -30.77 13.76
CA ASN B 226 28.20 -31.86 13.54
C ASN B 226 29.49 -31.33 12.94
N ALA B 227 30.63 -31.72 13.52
CA ALA B 227 31.92 -31.12 13.15
C ALA B 227 32.42 -31.63 11.80
N ASP B 228 32.07 -32.88 11.50
CA ASP B 228 32.54 -33.52 10.25
C ASP B 228 31.73 -33.05 9.04
N MET B 229 30.65 -32.31 9.26
CA MET B 229 29.77 -31.90 8.13
C MET B 229 30.36 -30.67 7.43
N LEU B 230 30.55 -30.74 6.11
CA LEU B 230 31.03 -29.58 5.37
C LEU B 230 30.15 -28.36 5.63
N PRO B 231 30.71 -27.16 5.63
CA PRO B 231 29.90 -25.96 5.76
C PRO B 231 29.17 -25.62 4.46
N VAL B 232 27.96 -25.10 4.59
CA VAL B 232 27.24 -24.60 3.43
C VAL B 232 27.81 -23.23 3.04
N GLN B 233 28.17 -23.07 1.77
CA GLN B 233 28.68 -21.82 1.23
C GLN B 233 27.56 -21.01 0.58
N SER B 234 27.90 -19.78 0.15
CA SER B 234 26.88 -18.91 -0.42
C SER B 234 26.46 -19.36 -1.80
N ASP B 235 27.37 -19.93 -2.60
CA ASP B 235 26.98 -20.38 -3.93
C ASP B 235 26.39 -21.78 -3.92
N ASP B 236 26.12 -22.31 -2.73
CA ASP B 236 25.19 -23.42 -2.55
C ASP B 236 23.77 -22.94 -2.30
N VAL B 237 23.57 -21.64 -2.10
CA VAL B 237 22.26 -21.04 -1.89
C VAL B 237 21.76 -20.49 -3.21
N PHE B 238 20.49 -20.71 -3.49
CA PHE B 238 19.81 -20.10 -4.63
C PHE B 238 18.58 -19.34 -4.13
N LEU B 239 18.38 -18.14 -4.67
CA LEU B 239 17.24 -17.32 -4.30
C LEU B 239 16.23 -17.26 -5.43
N TYR B 240 14.95 -17.23 -5.05
CA TYR B 240 13.83 -17.21 -5.96
C TYR B 240 12.79 -16.27 -5.38
N SER B 241 11.70 -16.03 -6.11
CA SER B 241 10.77 -14.98 -5.71
C SER B 241 9.85 -15.39 -4.55
N THR B 242 9.62 -16.69 -4.35
CA THR B 242 8.80 -17.19 -3.25
C THR B 242 9.29 -18.58 -2.85
N GLY B 243 8.87 -18.99 -1.64
CA GLY B 243 9.10 -20.37 -1.23
C GLY B 243 8.46 -21.38 -2.17
N MET B 244 7.22 -21.10 -2.61
CA MET B 244 6.62 -21.84 -3.70
C MET B 244 7.60 -22.04 -4.85
N MET B 245 8.11 -20.93 -5.38
CA MET B 245 8.97 -21.01 -6.54
C MET B 245 10.13 -21.95 -6.30
N ALA B 246 10.83 -21.81 -5.17
CA ALA B 246 12.00 -22.64 -4.88
C ALA B 246 11.64 -24.11 -4.96
N ILE B 247 10.54 -24.47 -4.31
CA ILE B 247 10.12 -25.87 -4.29
C ILE B 247 9.93 -26.40 -5.68
N GLY B 248 9.31 -25.61 -6.56
CA GLY B 248 9.14 -26.06 -7.94
C GLY B 248 10.46 -26.26 -8.65
N LYS B 249 11.39 -25.32 -8.47
CA LYS B 249 12.67 -25.39 -9.16
C LYS B 249 13.37 -26.71 -8.89
N ILE B 250 13.40 -27.17 -7.63
CA ILE B 250 14.04 -28.45 -7.35
C ILE B 250 13.18 -29.60 -7.86
N ALA B 251 11.86 -29.50 -7.74
CA ALA B 251 11.02 -30.56 -8.28
C ALA B 251 11.30 -30.77 -9.76
N ARG B 252 11.43 -29.67 -10.50
CA ARG B 252 11.65 -29.74 -11.96
C ARG B 252 13.02 -30.31 -12.29
N ALA B 253 14.02 -30.09 -11.41
CA ALA B 253 15.37 -30.57 -11.66
C ALA B 253 15.46 -32.08 -11.51
N MET B 254 14.91 -32.60 -10.41
CA MET B 254 14.88 -34.03 -10.19
C MET B 254 14.10 -34.78 -11.25
N LYS B 255 13.11 -34.15 -11.86
CA LYS B 255 12.31 -34.82 -12.88
C LYS B 255 13.11 -35.16 -14.14
N ASP B 256 13.74 -34.14 -14.70
CA ASP B 256 14.55 -34.26 -15.93
C ASP B 256 16.02 -34.39 -15.51
N MET B 257 16.45 -35.62 -15.25
CA MET B 257 17.86 -35.85 -14.89
C MET B 257 18.13 -37.35 -15.02
N ASP B 260 12.69 -42.25 -14.30
CA ASP B 260 12.15 -42.29 -12.91
C ASP B 260 11.23 -41.08 -12.71
N ASP B 261 9.99 -41.35 -12.30
CA ASP B 261 8.99 -40.30 -12.10
C ASP B 261 8.09 -40.46 -10.87
N THR B 262 8.56 -41.23 -9.87
CA THR B 262 7.85 -41.39 -8.61
C THR B 262 8.31 -40.32 -7.64
N ALA B 263 7.37 -39.57 -7.06
CA ALA B 263 7.74 -38.57 -6.07
C ALA B 263 6.90 -38.79 -4.82
N VAL B 264 7.51 -38.58 -3.66
CA VAL B 264 6.86 -38.85 -2.37
C VAL B 264 6.69 -37.54 -1.62
N ILE B 265 5.50 -37.30 -1.11
CA ILE B 265 5.23 -36.17 -0.22
C ILE B 265 4.86 -36.72 1.14
N PHE B 266 5.75 -36.55 2.12
CA PHE B 266 5.59 -37.27 3.41
C PHE B 266 4.78 -36.54 4.47
N GLY B 267 4.58 -35.23 4.37
CA GLY B 267 3.81 -34.58 5.45
C GLY B 267 2.62 -33.81 4.93
N TRP B 268 1.95 -33.07 5.80
CA TRP B 268 0.89 -32.16 5.29
C TRP B 268 1.62 -30.92 4.79
N LEU B 269 2.01 -30.90 3.51
CA LEU B 269 2.89 -29.80 3.01
C LEU B 269 2.12 -28.50 2.78
N TYR B 270 2.69 -27.58 2.03
CA TYR B 270 2.10 -26.29 1.78
C TYR B 270 0.94 -26.33 0.82
N SER B 271 0.36 -27.49 0.60
CA SER B 271 -0.77 -27.66 -0.36
C SER B 271 -0.39 -27.04 -1.70
N GLY B 272 0.89 -26.73 -1.89
CA GLY B 272 1.35 -26.20 -3.20
C GLY B 272 2.40 -27.18 -3.67
N THR B 273 2.95 -27.95 -2.74
CA THR B 273 3.95 -29.01 -3.04
C THR B 273 3.37 -30.05 -4.02
N LEU B 274 2.22 -30.65 -3.71
CA LEU B 274 1.60 -31.61 -4.67
C LEU B 274 1.25 -30.87 -5.95
N PRO B 275 0.53 -29.72 -5.96
CA PRO B 275 0.31 -28.97 -7.21
C PRO B 275 1.59 -28.85 -8.04
N LEU B 276 2.75 -28.72 -7.41
CA LEU B 276 3.98 -28.51 -8.19
C LEU B 276 4.51 -29.82 -8.75
N VAL B 277 4.39 -30.94 -8.04
CA VAL B 277 5.04 -32.15 -8.51
C VAL B 277 4.14 -32.85 -9.51
N LYS B 278 2.82 -32.63 -9.44
CA LYS B 278 1.96 -33.09 -10.52
C LYS B 278 2.21 -32.26 -11.78
N ASP B 279 2.40 -30.96 -11.62
CA ASP B 279 2.75 -30.08 -12.73
C ASP B 279 4.12 -30.40 -13.30
N SER B 280 5.01 -30.99 -12.50
CA SER B 280 6.34 -31.33 -12.96
C SER B 280 6.43 -32.72 -13.59
N GLY B 281 5.28 -33.33 -13.91
CA GLY B 281 5.22 -34.56 -14.69
C GLY B 281 5.58 -35.85 -13.99
N TYR B 282 5.43 -35.92 -12.66
CA TYR B 282 5.69 -37.16 -11.91
C TYR B 282 4.51 -38.11 -12.08
N SER B 283 4.65 -39.09 -12.96
CA SER B 283 3.50 -39.93 -13.29
C SER B 283 2.95 -40.66 -12.07
N LYS B 284 3.83 -41.00 -11.12
CA LYS B 284 3.49 -41.83 -9.96
C LYS B 284 3.82 -41.07 -8.68
N PRO B 285 2.92 -40.22 -8.18
CA PRO B 285 3.10 -39.66 -6.84
C PRO B 285 2.50 -40.55 -5.75
N ILE B 286 3.07 -40.42 -4.56
CA ILE B 286 2.56 -41.06 -3.35
C ILE B 286 2.44 -39.98 -2.29
N LEU B 287 1.20 -39.75 -1.80
CA LEU B 287 0.96 -38.88 -0.63
C LEU B 287 0.86 -39.71 0.65
N TYR B 288 1.77 -39.48 1.59
CA TYR B 288 1.64 -39.97 2.95
C TYR B 288 1.27 -38.75 3.77
N GLY B 289 0.01 -38.63 4.18
CA GLY B 289 -0.44 -37.35 4.72
C GLY B 289 -0.16 -37.15 6.19
N ARG B 290 -0.03 -38.25 6.93
CA ARG B 290 0.14 -38.20 8.37
C ARG B 290 1.60 -38.13 8.81
N GLY B 291 2.54 -38.51 7.94
CA GLY B 291 3.96 -38.42 8.26
C GLY B 291 4.47 -39.48 9.20
N THR B 292 3.77 -40.60 9.32
CA THR B 292 4.02 -41.55 10.38
C THR B 292 5.04 -42.61 9.98
N GLU B 293 5.42 -43.46 10.96
CA GLU B 293 6.34 -44.56 10.68
C GLU B 293 5.64 -45.69 9.92
N GLU B 294 4.33 -45.84 10.13
CA GLU B 294 3.55 -46.81 9.39
C GLU B 294 3.64 -46.50 7.91
N GLU B 295 3.53 -45.21 7.57
CA GLU B 295 3.69 -44.78 6.20
C GLU B 295 5.12 -45.04 5.72
N LEU B 296 6.11 -44.71 6.53
CA LEU B 296 7.47 -45.05 6.19
C LEU B 296 7.65 -46.54 5.98
N ASP B 297 6.84 -47.37 6.66
CA ASP B 297 6.94 -48.81 6.44
C ASP B 297 6.43 -49.16 5.04
N LYS B 298 5.26 -48.62 4.67
CA LYS B 298 4.73 -48.84 3.32
C LYS B 298 5.71 -48.39 2.25
N LEU B 299 6.48 -47.34 2.52
CA LEU B 299 7.48 -46.90 1.55
C LEU B 299 8.60 -47.92 1.44
N GLU B 300 9.13 -48.37 2.58
CA GLU B 300 10.27 -49.28 2.57
C GLU B 300 9.91 -50.60 1.90
N SER B 301 8.75 -51.17 2.24
CA SER B 301 8.35 -52.40 1.56
C SER B 301 8.31 -52.20 0.05
N TYR B 302 7.73 -51.08 -0.41
CA TYR B 302 7.63 -50.82 -1.85
C TYR B 302 9.01 -50.82 -2.49
N LEU B 303 9.98 -50.22 -1.80
CA LEU B 303 11.30 -50.00 -2.38
C LEU B 303 12.08 -51.29 -2.49
N ALA B 304 12.17 -52.04 -1.39
CA ALA B 304 12.77 -53.37 -1.43
C ALA B 304 12.17 -54.21 -2.55
N ALA B 305 10.84 -54.30 -2.61
CA ALA B 305 10.12 -55.09 -3.59
C ALA B 305 10.30 -54.54 -5.00
N GLY B 306 11.08 -53.49 -5.16
CA GLY B 306 11.47 -53.02 -6.48
C GLY B 306 10.88 -51.69 -6.90
N GLY B 307 10.08 -51.03 -6.07
CA GLY B 307 9.50 -49.78 -6.49
C GLY B 307 10.57 -48.70 -6.61
N LYS B 308 10.50 -47.96 -7.72
CA LYS B 308 11.40 -46.85 -7.93
C LYS B 308 10.94 -45.66 -7.09
N CYS B 309 11.88 -44.76 -6.79
CA CYS B 309 11.55 -43.49 -6.16
C CYS B 309 12.67 -42.49 -6.43
N THR B 310 12.28 -41.29 -6.88
CA THR B 310 13.19 -40.23 -7.29
C THR B 310 13.47 -39.22 -6.19
N VAL B 311 12.42 -38.65 -5.61
CA VAL B 311 12.53 -37.52 -4.68
C VAL B 311 11.48 -37.69 -3.61
N LEU B 312 11.80 -37.19 -2.42
CA LEU B 312 10.89 -37.24 -1.29
C LEU B 312 10.84 -35.86 -0.67
N PHE B 313 9.66 -35.32 -0.57
CA PHE B 313 9.45 -33.97 -0.09
C PHE B 313 8.96 -34.00 1.35
N THR B 314 9.55 -33.24 2.27
CA THR B 314 9.03 -33.20 3.67
C THR B 314 9.16 -31.82 4.30
N GLU B 315 8.60 -31.62 5.48
CA GLU B 315 8.68 -30.35 6.19
C GLU B 315 8.59 -30.53 7.71
N ILE B 316 9.64 -30.15 8.43
CA ILE B 316 9.68 -30.27 9.89
C ILE B 316 8.69 -29.29 10.53
N THR B 317 8.19 -29.66 11.72
CA THR B 317 7.20 -28.87 12.46
C THR B 317 6.07 -28.57 11.49
N SER B 318 5.46 -29.65 11.01
CA SER B 318 4.41 -29.55 9.94
C SER B 318 3.23 -28.64 10.31
N ASN B 319 2.74 -27.86 9.35
CA ASN B 319 1.58 -27.01 9.62
C ASN B 319 0.32 -27.87 9.50
N PRO B 320 -0.54 -27.81 10.53
CA PRO B 320 -0.29 -27.04 11.74
C PRO B 320 -0.15 -27.88 13.00
N GLN B 321 -0.09 -29.21 12.89
CA GLN B 321 0.03 -30.02 14.10
C GLN B 321 1.45 -30.07 14.65
N LEU B 322 2.37 -29.28 14.10
CA LEU B 322 3.77 -29.23 14.57
C LEU B 322 4.36 -30.62 14.79
N HIS B 323 4.06 -31.50 13.85
CA HIS B 323 4.67 -32.82 13.77
C HIS B 323 6.12 -32.69 13.30
N SER B 324 6.96 -33.62 13.75
CA SER B 324 8.33 -33.71 13.27
C SER B 324 8.54 -35.07 12.60
N PRO B 325 9.02 -35.10 11.35
CA PRO B 325 9.23 -36.38 10.67
C PRO B 325 10.52 -37.04 11.10
N ASN B 326 10.56 -38.38 10.94
CA ASN B 326 11.76 -39.14 11.30
C ASN B 326 12.78 -38.97 10.17
N LEU B 327 13.54 -37.88 10.24
CA LEU B 327 14.51 -37.60 9.19
C LEU B 327 15.61 -38.65 9.17
N VAL B 328 16.04 -39.09 10.35
CA VAL B 328 17.09 -40.11 10.43
C VAL B 328 16.76 -41.29 9.53
N ARG B 329 15.55 -41.85 9.67
CA ARG B 329 15.11 -42.97 8.83
C ARG B 329 14.99 -42.56 7.37
N ILE B 330 14.53 -41.35 7.11
CA ILE B 330 14.38 -40.89 5.74
C ILE B 330 15.73 -40.82 5.05
N LYS B 331 16.76 -40.30 5.75
CA LYS B 331 18.10 -40.33 5.18
C LYS B 331 18.59 -41.76 5.06
N ASN B 332 18.10 -42.66 5.90
CA ASN B 332 18.56 -44.03 5.82
C ASN B 332 17.94 -44.74 4.63
N LEU B 333 16.64 -44.60 4.46
CA LEU B 333 16.03 -45.10 3.24
C LEU B 333 16.64 -44.43 2.01
N ALA B 334 16.81 -43.10 2.05
CA ALA B 334 17.39 -42.39 0.92
C ALA B 334 18.74 -42.96 0.53
N ASP B 335 19.55 -43.34 1.52
CA ASP B 335 20.87 -43.84 1.22
C ASP B 335 20.81 -45.25 0.66
N GLU B 336 19.94 -46.10 1.23
CA GLU B 336 19.82 -47.49 0.78
C GLU B 336 19.28 -47.59 -0.64
N TYR B 337 18.53 -46.58 -1.08
CA TYR B 337 17.81 -46.68 -2.33
C TYR B 337 18.14 -45.57 -3.31
N GLY B 338 18.75 -44.48 -2.86
CA GLY B 338 19.33 -43.53 -3.76
C GLY B 338 18.41 -42.42 -4.20
N PHE B 339 17.38 -42.14 -3.42
CA PHE B 339 16.58 -41.00 -3.79
C PHE B 339 17.09 -39.77 -3.05
N THR B 340 16.42 -38.67 -3.33
CA THR B 340 16.88 -37.35 -2.99
C THR B 340 15.87 -36.74 -2.04
N VAL B 341 16.34 -36.11 -0.98
CA VAL B 341 15.47 -35.66 0.09
C VAL B 341 15.47 -34.14 0.13
N VAL B 342 14.29 -33.58 -0.06
CA VAL B 342 14.08 -32.16 0.09
C VAL B 342 13.38 -31.95 1.42
N VAL B 343 13.85 -30.97 2.20
CA VAL B 343 13.25 -30.65 3.49
C VAL B 343 12.92 -29.17 3.50
N ASP B 344 11.72 -28.83 3.94
CA ASP B 344 11.32 -27.45 4.05
C ASP B 344 11.38 -27.02 5.50
N ASP B 345 12.30 -26.10 5.81
CA ASP B 345 12.56 -25.68 7.18
C ASP B 345 11.92 -24.33 7.49
N THR B 346 10.80 -23.99 6.85
CA THR B 346 10.16 -22.70 7.10
C THR B 346 9.65 -22.58 8.51
N ILE B 347 8.98 -23.61 9.00
CA ILE B 347 8.28 -23.52 10.28
C ILE B 347 9.18 -23.90 11.46
N GLY B 348 9.85 -25.06 11.39
CA GLY B 348 10.90 -25.29 12.36
C GLY B 348 12.10 -24.63 11.75
N THR B 349 12.70 -23.68 12.43
CA THR B 349 13.66 -22.91 11.65
C THR B 349 15.02 -23.59 11.65
N SER B 350 15.88 -23.12 10.76
CA SER B 350 17.30 -23.46 10.83
C SER B 350 17.96 -22.90 12.08
N VAL B 351 17.42 -21.82 12.65
CA VAL B 351 17.94 -21.31 13.91
C VAL B 351 17.74 -22.32 15.02
N ASN B 352 16.57 -22.97 15.05
CA ASN B 352 16.25 -23.91 16.12
C ASN B 352 16.71 -25.33 15.85
N LEU B 353 16.75 -25.76 14.59
CA LEU B 353 16.97 -27.16 14.26
C LEU B 353 18.15 -27.33 13.33
N ASP B 354 18.91 -28.39 13.58
CA ASP B 354 20.00 -28.81 12.70
C ASP B 354 19.50 -29.99 11.91
N ILE B 355 19.11 -29.74 10.67
CA ILE B 355 18.63 -30.80 9.81
C ILE B 355 19.53 -31.06 8.61
N LEU B 356 20.56 -30.24 8.40
CA LEU B 356 21.47 -30.43 7.26
C LEU B 356 21.97 -31.86 7.08
N PRO B 357 22.29 -32.63 8.14
CA PRO B 357 22.70 -34.03 7.93
C PRO B 357 21.74 -34.91 7.17
N TYR B 358 20.50 -34.47 6.98
CA TYR B 358 19.49 -35.36 6.42
C TYR B 358 18.95 -34.94 5.05
N ALA B 359 18.98 -33.66 4.75
CA ALA B 359 18.35 -33.16 3.55
C ALA B 359 19.41 -33.02 2.47
N ASP B 360 19.14 -33.58 1.29
CA ASP B 360 20.00 -33.25 0.19
C ASP B 360 19.77 -31.81 -0.26
N VAL B 361 18.58 -31.27 0.02
CA VAL B 361 18.21 -29.90 -0.34
C VAL B 361 17.33 -29.35 0.78
N VAL B 362 17.44 -28.05 1.08
CA VAL B 362 16.63 -27.43 2.12
C VAL B 362 15.99 -26.14 1.59
N THR B 363 14.67 -26.08 1.63
CA THR B 363 13.92 -24.96 1.09
C THR B 363 13.36 -24.14 2.22
N THR B 364 13.31 -22.83 2.01
CA THR B 364 12.81 -21.92 3.03
C THR B 364 11.96 -20.84 2.39
N SER B 365 10.81 -20.55 3.00
CA SER B 365 10.08 -19.34 2.64
C SER B 365 10.69 -18.21 3.44
N LEU B 366 11.46 -17.37 2.76
CA LEU B 366 12.02 -16.20 3.41
C LEU B 366 10.95 -15.17 3.70
N THR B 367 9.76 -15.34 3.13
CA THR B 367 8.66 -14.42 3.43
C THR B 367 8.26 -14.51 4.89
N ILE B 369 9.22 -16.21 8.86
CA ILE B 369 9.92 -15.58 9.98
C ILE B 369 11.29 -15.05 9.57
N PHE B 370 11.88 -15.61 8.51
CA PHE B 370 13.19 -15.13 8.08
C PHE B 370 13.18 -13.62 7.91
N ASN B 371 12.08 -13.11 7.34
CA ASN B 371 11.82 -11.67 7.19
C ASN B 371 11.11 -11.06 8.41
N GLY B 372 9.96 -11.63 8.79
CA GLY B 372 9.25 -11.24 10.00
C GLY B 372 8.36 -10.03 9.86
N ALA B 373 8.71 -9.10 8.98
CA ALA B 373 8.01 -7.83 8.85
C ALA B 373 6.75 -7.90 8.00
N CYS B 374 6.40 -9.08 7.47
CA CYS B 374 5.19 -9.22 6.66
C CYS B 374 5.19 -8.29 5.45
N ASN B 375 6.38 -7.90 4.98
CA ASN B 375 6.40 -6.94 3.88
C ASN B 375 7.27 -7.19 2.67
N ALA B 376 7.84 -8.38 2.48
CA ALA B 376 8.59 -8.72 1.27
C ALA B 376 8.58 -10.22 1.02
N MET B 377 8.79 -10.60 -0.24
CA MET B 377 8.64 -11.98 -0.68
C MET B 377 9.96 -12.56 -1.16
N GLY B 378 10.23 -13.80 -0.75
CA GLY B 378 11.41 -14.51 -1.21
C GLY B 378 11.40 -15.96 -0.80
N GLY B 379 12.12 -16.77 -1.55
CA GLY B 379 12.26 -18.18 -1.23
C GLY B 379 13.69 -18.62 -1.49
N SER B 380 14.11 -19.66 -0.76
CA SER B 380 15.49 -20.10 -0.78
C SER B 380 15.55 -21.58 -1.09
N LEU B 381 16.71 -22.00 -1.59
CA LEU B 381 16.97 -23.40 -1.92
C LEU B 381 18.45 -23.64 -1.66
N ILE B 382 18.74 -24.46 -0.66
CA ILE B 382 20.12 -24.76 -0.26
C ILE B 382 20.44 -26.17 -0.73
N VAL B 383 21.55 -26.33 -1.45
CA VAL B 383 22.02 -27.64 -1.89
C VAL B 383 23.11 -28.10 -0.92
N ASN B 384 22.82 -29.13 -0.15
CA ASN B 384 23.71 -29.65 0.88
C ASN B 384 25.01 -30.04 0.19
N PRO B 385 26.16 -29.51 0.63
CA PRO B 385 27.44 -29.82 -0.07
C PRO B 385 27.88 -31.21 0.33
N ASN B 386 27.24 -31.78 1.35
CA ASN B 386 27.51 -33.13 1.81
C ASN B 386 26.67 -34.16 1.10
N SER B 387 25.92 -33.77 0.08
CA SER B 387 24.94 -34.65 -0.53
C SER B 387 25.55 -35.54 -1.58
N ARG B 388 25.26 -36.84 -1.51
CA ARG B 388 25.66 -37.80 -2.52
C ARG B 388 25.25 -37.38 -3.92
N HIS B 389 24.33 -36.42 -4.05
CA HIS B 389 23.85 -35.93 -5.33
C HIS B 389 24.19 -34.46 -5.55
N TYR B 390 25.15 -33.93 -4.79
CA TYR B 390 25.39 -32.49 -4.78
C TYR B 390 25.84 -31.94 -6.15
N ARG B 391 26.78 -32.61 -6.82
CA ARG B 391 27.25 -32.09 -8.11
C ARG B 391 26.11 -32.03 -9.14
N ARG B 392 25.31 -33.11 -9.24
CA ARG B 392 24.24 -33.15 -10.25
C ARG B 392 23.21 -32.07 -10.00
N ILE B 393 22.74 -31.93 -8.75
CA ILE B 393 21.67 -30.98 -8.42
C ILE B 393 22.14 -29.54 -8.63
N HIS B 394 23.36 -29.22 -8.18
CA HIS B 394 23.85 -27.85 -8.30
C HIS B 394 24.02 -27.44 -9.75
N THR B 395 24.57 -28.34 -10.59
CA THR B 395 24.78 -28.02 -12.00
C THR B 395 23.46 -27.69 -12.69
N TYR B 396 22.42 -28.49 -12.44
CA TYR B 396 21.12 -28.18 -13.03
C TYR B 396 20.68 -26.80 -12.57
N LEU B 397 20.62 -26.57 -11.26
CA LEU B 397 20.15 -25.29 -10.74
C LEU B 397 21.02 -24.12 -11.21
N GLN B 398 22.31 -24.35 -11.40
CA GLN B 398 23.20 -23.32 -11.97
C GLN B 398 22.93 -23.14 -13.46
N GLY B 399 23.04 -24.22 -14.24
CA GLY B 399 22.84 -24.14 -15.67
C GLY B 399 21.47 -23.67 -16.08
N HIS B 400 20.48 -23.75 -15.19
CA HIS B 400 19.11 -23.32 -15.45
C HIS B 400 18.70 -22.07 -14.67
N PHE B 401 19.66 -21.23 -14.24
CA PHE B 401 19.34 -20.17 -13.31
C PHE B 401 19.00 -18.86 -14.00
N GLU B 402 18.06 -18.14 -13.40
CA GLU B 402 17.57 -16.84 -13.81
C GLU B 402 17.22 -16.13 -12.51
N ASP B 403 17.56 -14.88 -12.43
CA ASP B 403 17.30 -14.16 -11.23
C ASP B 403 15.96 -13.53 -11.27
N LEU B 404 15.06 -14.00 -10.43
CA LEU B 404 13.71 -13.46 -10.46
C LEU B 404 13.31 -12.85 -9.12
N LEU B 405 14.27 -12.57 -8.26
CA LEU B 405 13.97 -12.05 -6.94
C LEU B 405 14.02 -10.53 -7.01
N PHE B 406 12.84 -9.91 -6.98
CA PHE B 406 12.77 -8.49 -7.26
C PHE B 406 13.67 -7.71 -6.32
N PRO B 407 14.54 -6.86 -6.84
CA PRO B 407 15.57 -6.21 -6.01
C PRO B 407 15.04 -5.53 -4.76
N ALA B 408 13.89 -4.87 -4.83
CA ALA B 408 13.38 -4.19 -3.64
C ALA B 408 13.02 -5.17 -2.52
N ASP B 409 12.58 -6.37 -2.89
CA ASP B 409 12.30 -7.42 -1.92
C ASP B 409 13.59 -7.91 -1.26
N ALA B 410 14.56 -8.35 -2.09
CA ALA B 410 15.93 -8.66 -1.68
C ALA B 410 16.49 -7.66 -0.68
N VAL B 411 16.32 -6.36 -0.95
CA VAL B 411 16.79 -5.36 0.00
C VAL B 411 16.18 -5.61 1.37
N VAL B 412 14.85 -5.49 1.45
CA VAL B 412 14.13 -5.58 2.73
C VAL B 412 14.53 -6.85 3.48
N LEU B 413 14.55 -7.97 2.77
CA LEU B 413 14.96 -9.23 3.39
C LEU B 413 16.35 -9.09 4.00
N SER B 414 17.29 -8.55 3.23
CA SER B 414 18.69 -8.52 3.68
C SER B 414 18.91 -7.53 4.83
N GLU B 415 17.99 -6.61 5.07
CA GLU B 415 18.05 -5.83 6.30
C GLU B 415 17.39 -6.55 7.46
N ASN B 416 16.20 -7.13 7.23
CA ASN B 416 15.45 -7.73 8.32
C ASN B 416 16.03 -9.07 8.77
N CYS B 417 16.71 -9.79 7.89
CA CYS B 417 17.23 -11.08 8.30
C CYS B 417 18.41 -10.98 9.25
N ILE B 418 18.80 -9.77 9.67
CA ILE B 418 19.94 -9.67 10.56
C ILE B 418 19.58 -10.15 11.97
N ASP B 419 18.42 -9.74 12.48
CA ASP B 419 17.95 -10.29 13.74
C ASP B 419 17.06 -11.52 13.53
N TYR B 420 17.17 -12.19 12.38
CA TYR B 420 16.39 -13.42 12.18
C TYR B 420 16.71 -14.45 13.25
N PRO B 421 17.98 -14.75 13.57
CA PRO B 421 18.22 -15.71 14.66
C PRO B 421 17.71 -15.23 16.01
N GLU B 422 17.89 -13.95 16.32
CA GLU B 422 17.47 -13.47 17.63
C GLU B 422 15.95 -13.35 17.72
N ARG B 423 15.29 -13.04 16.59
CA ARG B 423 13.83 -13.06 16.59
C ARG B 423 13.32 -14.48 16.81
N VAL B 424 13.91 -15.46 16.11
CA VAL B 424 13.43 -16.82 16.27
C VAL B 424 13.53 -17.22 17.73
N LYS B 425 14.61 -16.80 18.38
CA LYS B 425 14.78 -17.14 19.78
C LYS B 425 13.70 -16.48 20.63
N ARG B 426 13.32 -15.21 20.34
CA ARG B 426 12.32 -14.56 21.19
C ARG B 426 10.92 -15.09 20.94
N CYS B 427 10.54 -15.28 19.69
CA CYS B 427 9.23 -15.84 19.42
C CYS B 427 9.13 -17.27 19.95
N SER B 428 10.17 -18.08 19.76
CA SER B 428 10.12 -19.45 20.28
C SER B 428 10.03 -19.46 21.80
N ALA B 429 10.58 -18.43 22.45
CA ALA B 429 10.50 -18.33 23.89
C ALA B 429 9.08 -18.00 24.34
N THR B 430 8.44 -17.02 23.69
CA THR B 430 7.11 -16.59 24.09
C THR B 430 6.06 -17.63 23.72
N ALA B 431 6.28 -18.35 22.63
CA ALA B 431 5.38 -19.40 22.19
C ALA B 431 5.32 -20.53 23.21
N ARG B 432 6.47 -21.10 23.55
CA ARG B 432 6.55 -22.17 24.53
C ARG B 432 5.85 -21.78 25.80
N ALA B 433 5.98 -20.51 26.19
CA ALA B 433 5.33 -20.01 27.39
C ALA B 433 3.83 -20.13 27.31
N ILE B 434 3.21 -19.50 26.31
CA ILE B 434 1.76 -19.51 26.28
C ILE B 434 1.21 -20.83 25.74
N ALA B 435 2.04 -21.65 25.07
CA ALA B 435 1.56 -22.98 24.70
C ALA B 435 1.29 -23.81 25.94
N HIS B 436 2.20 -23.77 26.91
CA HIS B 436 2.01 -24.49 28.17
C HIS B 436 0.87 -23.89 28.99
N PHE B 437 0.83 -22.57 29.12
CA PHE B 437 -0.32 -21.91 29.73
C PHE B 437 -1.62 -22.53 29.23
N LEU B 438 -1.77 -22.57 27.90
CA LEU B 438 -2.98 -23.08 27.29
C LEU B 438 -3.16 -24.57 27.55
N ALA B 439 -2.07 -25.35 27.46
CA ALA B 439 -2.21 -26.79 27.63
C ALA B 439 -2.76 -27.18 29.00
N ALA B 440 -2.57 -26.35 30.02
CA ALA B 440 -3.09 -26.57 31.36
C ALA B 440 -4.47 -25.99 31.55
N HIS B 441 -5.13 -25.63 30.46
CA HIS B 441 -6.43 -25.03 30.68
C HIS B 441 -7.53 -26.05 30.57
N PRO B 442 -8.48 -26.00 31.50
CA PRO B 442 -9.51 -27.06 31.59
C PRO B 442 -10.48 -27.08 30.41
N SER B 443 -10.67 -25.94 29.74
CA SER B 443 -11.58 -25.87 28.60
C SER B 443 -10.82 -26.08 27.29
N ILE B 444 -9.79 -26.92 27.33
CA ILE B 444 -8.99 -27.21 26.16
C ILE B 444 -8.43 -28.63 26.20
N ASP B 445 -8.61 -29.36 25.10
CA ASP B 445 -8.13 -30.74 25.00
C ASP B 445 -6.61 -30.79 24.97
N TYR B 446 -6.03 -30.51 23.80
CA TYR B 446 -4.59 -30.51 23.64
C TYR B 446 -4.12 -29.32 22.81
N VAL B 447 -2.85 -28.99 23.01
CA VAL B 447 -2.14 -27.95 22.27
C VAL B 447 -1.17 -28.66 21.36
N ASN B 448 -1.01 -28.15 20.15
CA ASN B 448 0.00 -28.65 19.23
C ASN B 448 1.21 -27.73 19.27
N TYR B 449 2.32 -28.30 19.70
CA TYR B 449 3.58 -27.62 19.90
C TYR B 449 4.62 -28.70 20.21
N PRO B 450 5.87 -28.54 19.76
CA PRO B 450 6.84 -29.64 19.89
C PRO B 450 7.10 -30.13 21.31
N THR B 451 6.85 -29.31 22.34
CA THR B 451 7.08 -29.80 23.70
C THR B 451 5.91 -30.64 24.22
N LEU B 452 4.82 -30.71 23.47
CA LEU B 452 3.58 -31.29 23.95
C LEU B 452 2.98 -32.30 22.98
N VAL B 453 3.66 -32.61 21.88
CA VAL B 453 3.09 -33.50 20.88
C VAL B 453 3.72 -34.88 21.01
N PRO B 454 3.07 -35.91 20.46
CA PRO B 454 3.68 -37.24 20.47
C PRO B 454 5.04 -37.31 19.79
N SER B 455 5.31 -36.44 18.80
CA SER B 455 6.60 -36.50 18.10
C SER B 455 7.68 -35.68 18.78
N ARG B 456 7.50 -35.33 20.06
CA ARG B 456 8.49 -34.49 20.73
C ARG B 456 9.87 -35.14 20.71
N GLU B 457 9.95 -36.45 20.99
CA GLU B 457 11.23 -37.15 20.92
C GLU B 457 11.91 -36.92 19.59
N GLU B 458 11.15 -36.82 18.50
CA GLU B 458 11.72 -36.51 17.21
C GLU B 458 12.29 -35.09 17.17
N TYR B 459 11.47 -34.09 17.48
CA TYR B 459 11.98 -32.72 17.56
C TYR B 459 13.26 -32.65 18.39
N GLU B 460 13.32 -33.39 19.51
CA GLU B 460 14.49 -33.34 20.37
C GLU B 460 15.71 -33.97 19.72
N ARG B 461 15.55 -34.78 18.66
CA ARG B 461 16.73 -35.35 18.02
C ARG B 461 17.47 -34.29 17.23
N TYR B 462 16.75 -33.28 16.71
CA TYR B 462 17.31 -32.28 15.82
C TYR B 462 17.32 -30.87 16.43
N ARG B 463 16.87 -30.72 17.67
CA ARG B 463 16.92 -29.43 18.33
C ARG B 463 18.36 -29.09 18.65
N ARG B 464 18.72 -27.82 18.51
CA ARG B 464 20.05 -27.35 18.87
C ARG B 464 20.08 -26.91 20.34
N ASP B 465 21.26 -26.97 20.95
CA ASP B 465 21.39 -26.65 22.37
C ASP B 465 21.22 -25.16 22.61
N GLY B 466 20.47 -24.80 23.64
CA GLY B 466 20.11 -23.41 23.84
C GLY B 466 18.98 -22.92 22.98
N GLU B 467 18.44 -23.76 22.14
CA GLU B 467 17.42 -23.35 21.20
C GLU B 467 16.08 -23.98 21.51
N GLY B 468 15.03 -23.28 21.13
CA GLY B 468 13.69 -23.56 21.56
C GLY B 468 12.91 -24.46 20.61
N TYR B 469 11.59 -24.26 20.61
CA TYR B 469 10.63 -25.19 20.02
C TYR B 469 9.69 -24.47 19.06
N GLY B 470 10.17 -23.41 18.42
CA GLY B 470 9.49 -22.84 17.29
C GLY B 470 8.51 -21.74 17.68
N TYR B 471 7.99 -21.09 16.65
CA TYR B 471 7.09 -19.97 16.86
C TYR B 471 5.63 -20.28 16.57
N LEU B 472 5.31 -21.48 16.07
CA LEU B 472 3.95 -21.83 15.70
C LEU B 472 3.37 -22.79 16.70
N LEU B 473 2.03 -22.80 16.78
CA LEU B 473 1.24 -23.62 17.68
C LEU B 473 -0.23 -23.56 17.26
N SER B 474 -0.97 -24.62 17.60
CA SER B 474 -2.40 -24.65 17.33
C SER B 474 -3.11 -25.21 18.56
N ILE B 475 -4.44 -25.06 18.62
CA ILE B 475 -5.19 -25.31 19.86
C ILE B 475 -6.41 -26.17 19.57
N VAL B 476 -6.46 -27.34 20.17
CA VAL B 476 -7.64 -28.20 20.12
C VAL B 476 -8.40 -28.04 21.43
N PHE B 477 -9.53 -27.33 21.36
CA PHE B 477 -10.40 -27.13 22.51
C PHE B 477 -11.23 -28.39 22.76
N ARG B 478 -11.86 -28.45 23.94
CA ARG B 478 -12.66 -29.63 24.23
C ARG B 478 -13.94 -29.65 23.41
N GLU B 479 -14.69 -28.55 23.41
CA GLU B 479 -15.91 -28.46 22.61
C GLU B 479 -15.81 -27.38 21.56
N PRO B 480 -16.12 -27.70 20.30
CA PRO B 480 -15.99 -26.72 19.20
C PRO B 480 -16.71 -25.40 19.44
N ASP B 481 -17.83 -25.41 20.19
CA ASP B 481 -18.51 -24.16 20.50
C ASP B 481 -17.54 -23.14 21.09
N PHE B 482 -16.83 -23.55 22.16
CA PHE B 482 -15.88 -22.69 22.86
C PHE B 482 -14.82 -22.12 21.91
N ALA B 483 -14.28 -22.96 21.02
CA ALA B 483 -13.27 -22.48 20.08
C ALA B 483 -13.77 -21.29 19.29
N VAL B 484 -15.01 -21.35 18.82
CA VAL B 484 -15.54 -20.27 18.01
C VAL B 484 -15.52 -18.96 18.79
N ARG B 485 -16.22 -18.91 19.93
CA ARG B 485 -16.33 -17.61 20.56
C ARG B 485 -15.03 -17.16 21.20
N PHE B 486 -14.05 -18.07 21.33
CA PHE B 486 -12.71 -17.68 21.76
C PHE B 486 -12.01 -16.89 20.66
N PHE B 487 -11.92 -17.47 19.45
CA PHE B 487 -11.30 -16.79 18.31
C PHE B 487 -11.86 -15.39 18.14
N ASP B 488 -13.20 -15.26 18.17
CA ASP B 488 -13.82 -13.96 17.92
C ASP B 488 -13.35 -12.92 18.93
N ALA B 489 -13.27 -13.30 20.22
CA ALA B 489 -13.01 -12.34 21.27
C ALA B 489 -11.54 -12.04 21.50
N LEU B 490 -10.65 -12.74 20.80
CA LEU B 490 -9.21 -12.65 21.02
C LEU B 490 -8.65 -11.41 20.34
N ASP B 491 -8.42 -10.34 21.10
CA ASP B 491 -8.02 -9.05 20.52
C ASP B 491 -6.55 -9.09 20.07
N ILE B 492 -6.31 -9.80 18.94
CA ILE B 492 -5.03 -9.80 18.23
C ILE B 492 -5.29 -10.04 16.74
N TRP B 493 -4.24 -9.86 15.92
CA TRP B 493 -4.35 -9.99 14.47
C TRP B 493 -4.88 -11.35 14.07
N LYS B 494 -5.54 -11.37 12.93
CA LYS B 494 -6.16 -12.58 12.40
C LYS B 494 -5.87 -12.64 10.91
N GLY B 495 -5.55 -13.85 10.42
CA GLY B 495 -5.21 -14.02 9.02
C GLY B 495 -4.29 -15.19 8.72
N PRO B 496 -3.99 -15.39 7.43
CA PRO B 496 -3.23 -16.58 7.03
C PRO B 496 -1.75 -16.44 7.26
N SER B 497 -1.26 -15.22 7.52
CA SER B 497 0.17 -14.97 7.64
C SER B 497 0.75 -15.68 8.86
N ILE B 498 2.00 -16.14 8.72
CA ILE B 498 2.73 -16.74 9.81
C ILE B 498 4.17 -16.23 9.77
N GLY B 499 4.85 -16.38 10.90
CA GLY B 499 6.23 -15.94 10.95
C GLY B 499 6.39 -14.44 10.89
N THR B 500 5.45 -13.70 11.44
CA THR B 500 5.51 -12.26 11.46
C THR B 500 6.05 -11.77 12.79
N ASN B 501 6.41 -10.49 12.85
CA ASN B 501 6.80 -9.90 14.13
C ASN B 501 5.61 -9.69 15.05
N SER B 502 4.39 -9.85 14.56
CA SER B 502 3.17 -9.69 15.34
C SER B 502 2.50 -11.04 15.52
N SER B 503 1.64 -11.11 16.53
CA SER B 503 0.93 -12.35 16.77
C SER B 503 -0.35 -12.38 15.95
N ILE B 504 -0.63 -13.54 15.35
CA ILE B 504 -1.77 -13.67 14.45
C ILE B 504 -2.45 -15.03 14.65
N ALA B 505 -3.78 -15.02 14.72
CA ALA B 505 -4.57 -16.23 14.85
C ALA B 505 -5.38 -16.47 13.59
N LEU B 506 -5.70 -17.75 13.33
CA LEU B 506 -6.55 -18.09 12.22
C LEU B 506 -7.22 -19.44 12.51
N PRO B 507 -8.51 -19.64 12.14
CA PRO B 507 -9.15 -20.94 12.36
C PRO B 507 -8.99 -21.89 11.18
N TYR B 508 -9.64 -23.04 11.28
CA TYR B 508 -9.66 -24.00 10.19
C TYR B 508 -10.68 -23.55 9.13
N SER B 509 -11.40 -22.46 9.42
CA SER B 509 -12.40 -21.90 8.50
C SER B 509 -11.72 -21.50 7.20
N VAL B 510 -10.59 -20.80 7.33
CA VAL B 510 -9.77 -20.42 6.17
C VAL B 510 -8.82 -21.57 5.85
N LEU B 511 -8.09 -21.46 4.73
CA LEU B 511 -7.17 -22.54 4.30
C LEU B 511 -7.88 -23.90 4.30
N ALA B 512 -9.01 -23.95 3.59
CA ALA B 512 -9.69 -25.20 3.28
C ALA B 512 -10.25 -25.10 1.86
N HIS B 513 -9.40 -24.69 0.93
CA HIS B 513 -9.77 -24.52 -0.48
C HIS B 513 -9.68 -25.84 -1.25
N GLU B 522 -9.62 -34.38 8.12
CA GLU B 522 -9.64 -35.53 7.23
C GLU B 522 -8.38 -36.37 7.39
N TYR B 523 -7.32 -35.70 7.81
CA TYR B 523 -6.00 -36.30 8.00
C TYR B 523 -5.69 -36.45 9.50
N GLY B 524 -6.70 -36.84 10.27
CA GLY B 524 -6.52 -36.79 11.71
C GLY B 524 -6.37 -35.39 12.26
N VAL B 525 -6.72 -34.38 11.46
CA VAL B 525 -6.77 -32.99 11.91
C VAL B 525 -8.21 -32.69 12.32
N PRO B 526 -8.44 -32.19 13.54
CA PRO B 526 -9.78 -31.74 13.91
C PRO B 526 -10.18 -30.51 13.12
N LYS B 527 -11.49 -30.28 13.07
CA LYS B 527 -12.04 -29.28 12.17
C LYS B 527 -12.21 -27.92 12.83
N HIS B 528 -12.22 -27.85 14.17
CA HIS B 528 -12.35 -26.60 14.90
C HIS B 528 -11.01 -26.10 15.43
N ILE B 529 -9.92 -26.47 14.75
CA ILE B 529 -8.58 -26.14 15.23
C ILE B 529 -8.34 -24.65 15.08
N VAL B 530 -7.56 -24.09 16.00
CA VAL B 530 -7.19 -22.69 16.00
C VAL B 530 -5.67 -22.59 16.04
N ARG B 531 -5.10 -21.82 15.12
CA ARG B 531 -3.66 -21.78 14.92
C ARG B 531 -3.13 -20.40 15.28
N LEU B 532 -1.94 -20.39 15.85
CA LEU B 532 -1.39 -19.16 16.38
C LEU B 532 0.08 -19.08 16.02
N SER B 533 0.44 -18.07 15.24
CA SER B 533 1.82 -17.68 15.03
C SER B 533 2.14 -16.68 16.13
N VAL B 534 3.15 -17.00 16.92
CA VAL B 534 3.51 -16.19 18.09
C VAL B 534 4.57 -15.18 17.66
N GLY B 535 4.32 -13.90 17.97
CA GLY B 535 5.19 -12.80 17.59
C GLY B 535 6.21 -12.39 18.64
N LEU B 536 6.76 -11.19 18.47
CA LEU B 536 7.76 -10.62 19.37
C LEU B 536 7.15 -9.88 20.55
N GLU B 537 5.83 -9.89 20.69
CA GLU B 537 5.18 -9.21 21.79
C GLU B 537 5.61 -9.85 23.09
N SER B 538 5.45 -9.10 24.18
CA SER B 538 5.86 -9.57 25.50
C SER B 538 5.03 -10.78 25.92
N GLU B 539 5.63 -11.66 26.70
CA GLU B 539 4.91 -12.84 27.12
C GLU B 539 3.72 -12.47 28.00
N ALA B 540 3.92 -11.54 28.93
CA ALA B 540 2.83 -10.99 29.74
C ALA B 540 1.69 -10.46 28.86
N TRP B 541 2.01 -9.55 27.92
CA TRP B 541 1.01 -8.96 27.04
C TRP B 541 0.18 -10.04 26.33
N LEU B 542 0.85 -10.99 25.69
CA LEU B 542 0.15 -12.04 24.98
C LEU B 542 -0.58 -12.96 25.94
N ARG B 543 0.02 -13.28 27.09
CA ARG B 543 -0.72 -14.07 28.07
C ARG B 543 -1.98 -13.34 28.50
N ASP B 544 -1.92 -12.00 28.56
CA ASP B 544 -3.12 -11.21 28.84
C ASP B 544 -4.21 -11.46 27.80
N ARG B 545 -3.89 -11.21 26.52
CA ARG B 545 -4.91 -11.31 25.48
C ARG B 545 -5.52 -12.70 25.43
N VAL B 546 -4.70 -13.74 25.60
CA VAL B 546 -5.23 -15.10 25.66
C VAL B 546 -6.23 -15.23 26.78
N THR B 547 -5.86 -14.73 27.96
CA THR B 547 -6.66 -14.91 29.17
C THR B 547 -8.01 -14.25 29.02
N GLU B 548 -8.03 -12.95 28.69
CA GLU B 548 -9.29 -12.24 28.55
C GLU B 548 -10.20 -12.94 27.55
N ALA B 549 -9.63 -13.44 26.45
CA ALA B 549 -10.44 -14.15 25.47
C ALA B 549 -11.08 -15.39 26.08
N LEU B 550 -10.31 -16.12 26.90
CA LEU B 550 -10.86 -17.31 27.54
C LEU B 550 -12.03 -16.99 28.47
N ALA B 551 -12.00 -15.81 29.10
CA ALA B 551 -13.13 -15.41 29.93
C ALA B 551 -14.37 -15.12 29.06
N LYS B 552 -14.18 -14.36 27.98
CA LYS B 552 -15.29 -14.02 27.09
C LYS B 552 -15.91 -15.26 26.47
N ALA B 553 -15.19 -16.38 26.49
CA ALA B 553 -15.69 -17.62 25.92
C ALA B 553 -16.45 -18.45 26.92
N THR B 554 -16.48 -18.06 28.20
CA THR B 554 -17.30 -18.84 29.11
C THR B 554 -18.55 -18.06 29.52
N PRO B 555 -19.71 -18.73 29.59
CA PRO B 555 -20.99 -18.13 30.05
C PRO B 555 -20.93 -17.63 31.49
#